data_4IX8
#
_entry.id   4IX8
#
_cell.length_a   98.960
_cell.length_b   98.960
_cell.length_c   199.260
_cell.angle_alpha   90.000
_cell.angle_beta   90.000
_cell.angle_gamma   120.000
#
_symmetry.space_group_name_H-M   'P 32 2 1'
#
loop_
_entity.id
_entity.type
_entity.pdbx_description
1 polymer 'Tyrosine aminotransferase'
2 non-polymer 'CHLORIDE ION'
3 water water
#
_entity_poly.entity_id   1
_entity_poly.type   'polypeptide(L)'
_entity_poly.pdbx_seq_one_letter_code
;MRGSHHHHHHGMASMTGGQQMGRDLYDDDDKDRWTSFRRIASSKHAQRTLQPLNNLTDNMKPSRSTKSNLRLSIGDPTVD
GNLKTPDIVTEAMVDVVRSGKFNGYPPTVGADNLRQVVSTYWRRFCQTKSRQEALKWENVIITSGVSQAIVLALTALCNE
GDNILVCAPSFPHYKSVCDSYGIECRYYYLDPSKSWECDLRAAAGMVDSHTKAFVIINPSNPCGSNFSRAHVSDIIDFCQ
QHQIPLISDEIYAEMVLNNGIFTSVADFDTNVPRLILGGTA(LLP)YQVCPGWRVGWSILIDPMNVAGDWAVGMERLTQL
IAGVNSICQEAIARTLLKCPTECTEHIVTQLEAGAKVYARLLEHDIGISMEAPQASMFVMLKLNLSYFQDLKSDMEFYEK
LLDEENVQVLPGEIFGMSGFLRATVSRPSAVLNEAVDRIIEFCERHKK
;
_entity_poly.pdbx_strand_id   A,B
#
loop_
_chem_comp.id
_chem_comp.type
_chem_comp.name
_chem_comp.formula
CL non-polymer 'CHLORIDE ION' 'Cl -1'
#
# COMPACT_ATOMS: atom_id res chain seq x y z
N SER A 36 16.53 32.83 -6.07
CA SER A 36 15.16 32.36 -5.94
C SER A 36 14.99 30.97 -6.57
N PHE A 37 13.77 30.45 -6.53
CA PHE A 37 13.51 29.09 -6.96
C PHE A 37 12.10 28.83 -7.48
N ARG A 38 12.05 28.25 -8.67
CA ARG A 38 10.84 27.97 -9.40
C ARG A 38 9.90 27.17 -8.50
N ARG A 39 8.63 27.56 -8.47
CA ARG A 39 7.67 26.85 -7.65
C ARG A 39 7.38 25.46 -8.24
N ILE A 40 7.44 24.45 -7.40
CA ILE A 40 7.27 23.06 -7.81
C ILE A 40 5.88 22.57 -7.57
N ALA A 41 5.22 22.19 -8.67
CA ALA A 41 3.81 21.83 -8.66
C ALA A 41 3.63 20.33 -8.80
N SER A 42 2.43 19.85 -8.51
CA SER A 42 2.19 18.43 -8.51
C SER A 42 1.58 17.99 -9.84
N SER A 43 1.50 16.68 -10.00
CA SER A 43 0.97 16.05 -11.20
C SER A 43 -0.54 16.09 -11.25
N LYS A 44 -1.10 15.88 -12.44
CA LYS A 44 -2.55 15.81 -12.59
C LYS A 44 -3.14 14.64 -11.82
N HIS A 45 -2.46 13.50 -11.89
CA HIS A 45 -2.85 12.33 -11.11
C HIS A 45 -2.99 12.66 -9.58
N ALA A 46 -2.03 13.36 -9.00
CA ALA A 46 -2.10 13.72 -7.60
C ALA A 46 -3.27 14.67 -7.34
N GLN A 47 -3.38 15.70 -8.15
CA GLN A 47 -4.39 16.75 -7.99
C GLN A 47 -5.81 16.22 -7.97
N ARG A 48 -6.08 15.12 -8.65
CA ARG A 48 -7.45 14.59 -8.75
C ARG A 48 -7.67 13.39 -7.86
N THR A 49 -6.68 13.09 -7.02
CA THR A 49 -6.81 11.97 -6.09
C THR A 49 -7.41 12.46 -4.77
N LEU A 50 -8.68 12.11 -4.49
CA LEU A 50 -9.45 12.63 -3.35
C LEU A 50 -10.27 11.54 -2.65
N GLN A 51 -10.26 11.59 -1.32
CA GLN A 51 -11.06 10.66 -0.54
C GLN A 51 -12.10 11.48 0.25
N PRO A 52 -13.39 11.41 -0.13
CA PRO A 52 -14.37 12.35 0.43
C PRO A 52 -14.56 12.15 1.95
N LEU A 53 -14.51 10.90 2.40
CA LEU A 53 -14.56 10.50 3.82
C LEU A 53 -13.51 11.27 4.64
N ASN A 54 -12.23 11.07 4.33
CA ASN A 54 -11.16 11.81 4.98
C ASN A 54 -11.39 13.34 4.95
N ASN A 55 -11.87 13.83 3.81
CA ASN A 55 -12.06 15.26 3.61
C ASN A 55 -13.10 15.80 4.56
N LEU A 56 -14.06 14.94 4.91
CA LEU A 56 -15.17 15.31 5.76
C LEU A 56 -14.59 15.74 7.10
N THR A 57 -13.63 14.94 7.55
CA THR A 57 -12.89 15.16 8.79
C THR A 57 -12.14 16.49 8.72
N MET A 60 -14.50 18.61 9.91
CA MET A 60 -15.82 18.71 10.53
C MET A 60 -15.80 19.68 11.70
N LYS A 61 -16.84 20.50 11.79
CA LYS A 61 -16.91 21.50 12.86
C LYS A 61 -16.98 20.80 14.22
N PRO A 62 -16.19 21.26 15.21
CA PRO A 62 -16.35 20.68 16.54
C PRO A 62 -17.69 21.05 17.16
N SER A 63 -18.24 20.16 17.95
CA SER A 63 -19.62 20.31 18.38
C SER A 63 -19.78 21.41 19.41
N ARG A 64 -20.83 22.21 19.26
CA ARG A 64 -21.27 23.15 20.29
C ARG A 64 -22.27 22.40 21.15
N SER A 65 -21.79 21.36 21.84
CA SER A 65 -22.62 20.55 22.76
C SER A 65 -21.80 20.11 23.96
N THR A 66 -22.47 19.82 25.07
CA THR A 66 -21.79 19.41 26.32
C THR A 66 -21.84 17.90 26.48
N LYS A 67 -22.65 17.25 25.66
CA LYS A 67 -22.78 15.81 25.73
C LYS A 67 -21.44 15.23 25.25
N SER A 68 -21.17 13.97 25.59
CA SER A 68 -19.95 13.29 25.17
C SER A 68 -19.97 12.99 23.68
N ASN A 69 -18.79 12.98 23.06
CA ASN A 69 -18.68 12.64 21.65
C ASN A 69 -18.93 11.15 21.44
N LEU A 70 -19.99 10.83 20.72
CA LEU A 70 -20.31 9.46 20.37
C LEU A 70 -20.17 9.30 18.87
N ARG A 71 -19.20 8.49 18.44
CA ARG A 71 -18.89 8.37 17.04
C ARG A 71 -19.46 7.08 16.47
N LEU A 72 -20.44 7.22 15.56
CA LEU A 72 -21.04 6.11 14.82
C LEU A 72 -20.57 6.01 13.39
N SER A 73 -19.53 6.77 13.08
CA SER A 73 -19.00 6.97 11.73
C SER A 73 -17.80 6.10 11.38
N ILE A 74 -17.23 5.47 12.39
CA ILE A 74 -15.92 4.83 12.23
C ILE A 74 -16.01 3.41 11.65
N GLY A 75 -15.23 3.13 10.61
CA GLY A 75 -15.34 1.84 9.91
C GLY A 75 -14.23 0.88 10.29
N ASP A 76 -13.71 1.04 11.50
CA ASP A 76 -12.60 0.25 11.99
C ASP A 76 -13.06 -0.66 13.18
N PRO A 77 -12.97 -1.98 13.01
CA PRO A 77 -13.51 -2.85 14.05
C PRO A 77 -12.67 -2.89 15.32
N THR A 78 -11.51 -2.24 15.32
CA THR A 78 -10.63 -2.32 16.46
C THR A 78 -10.92 -1.23 17.49
N VAL A 79 -11.86 -0.32 17.21
CA VAL A 79 -11.96 0.91 18.01
C VAL A 79 -12.13 0.73 19.54
N ASP A 80 -12.99 -0.20 19.97
CA ASP A 80 -13.34 -0.30 21.38
C ASP A 80 -12.65 -1.41 22.16
N GLY A 81 -12.18 -2.45 21.46
CA GLY A 81 -11.52 -3.58 22.10
C GLY A 81 -12.54 -4.69 22.35
N ASN A 82 -13.82 -4.43 22.06
CA ASN A 82 -14.86 -5.42 22.23
C ASN A 82 -14.69 -6.57 21.24
N LEU A 83 -14.16 -6.27 20.04
CA LEU A 83 -13.86 -7.26 19.02
C LEU A 83 -12.36 -7.52 19.00
N LYS A 84 -11.96 -8.76 18.76
CA LYS A 84 -10.58 -9.18 19.06
C LYS A 84 -10.00 -10.07 17.98
N THR A 85 -8.75 -9.80 17.65
CA THR A 85 -7.98 -10.67 16.78
C THR A 85 -7.75 -11.98 17.52
N PRO A 86 -7.91 -13.12 16.86
CA PRO A 86 -7.67 -14.38 17.56
C PRO A 86 -6.23 -14.52 18.13
N ASP A 87 -6.12 -15.09 19.33
CA ASP A 87 -4.85 -15.23 20.01
C ASP A 87 -3.90 -16.09 19.22
N ILE A 88 -4.45 -17.10 18.57
CA ILE A 88 -3.62 -17.98 17.79
C ILE A 88 -2.89 -17.21 16.61
N VAL A 89 -3.52 -16.16 16.07
CA VAL A 89 -2.88 -15.36 15.00
C VAL A 89 -1.82 -14.47 15.62
N THR A 90 -2.15 -13.86 16.73
CA THR A 90 -1.21 -13.03 17.47
C THR A 90 0.06 -13.80 17.90
N GLU A 91 -0.08 -15.05 18.32
CA GLU A 91 1.07 -15.79 18.81
C GLU A 91 1.84 -16.38 17.62
N ALA A 92 1.16 -16.63 16.50
CA ALA A 92 1.87 -16.97 15.26
C ALA A 92 2.74 -15.78 14.81
N MET A 93 2.26 -14.55 15.00
CA MET A 93 3.06 -13.42 14.61
C MET A 93 4.34 -13.37 15.44
N VAL A 94 4.18 -13.63 16.74
CA VAL A 94 5.30 -13.72 17.68
C VAL A 94 6.33 -14.80 17.27
N ASP A 95 5.87 -16.01 17.00
CA ASP A 95 6.76 -17.10 16.61
C ASP A 95 7.50 -16.70 15.34
N VAL A 96 6.77 -16.07 14.41
CA VAL A 96 7.31 -15.75 13.12
C VAL A 96 8.38 -14.67 13.28
N VAL A 97 8.12 -13.63 14.04
CA VAL A 97 9.12 -12.59 14.06
C VAL A 97 10.38 -13.01 14.88
N ARG A 98 10.18 -13.83 15.91
CA ARG A 98 11.30 -14.23 16.73
C ARG A 98 12.24 -15.18 15.97
N SER A 99 11.68 -15.89 15.00
CA SER A 99 12.41 -16.86 14.22
C SER A 99 13.50 -16.18 13.43
N GLY A 100 13.25 -14.94 12.99
CA GLY A 100 14.19 -14.20 12.20
C GLY A 100 14.36 -14.77 10.79
N LYS A 101 13.46 -15.67 10.39
CA LYS A 101 13.51 -16.32 9.08
C LYS A 101 12.52 -15.73 8.02
N PHE A 102 11.79 -14.69 8.41
CA PHE A 102 10.76 -14.10 7.57
C PHE A 102 10.87 -12.59 7.60
N ASN A 103 12.10 -12.09 7.57
CA ASN A 103 12.37 -10.66 7.51
C ASN A 103 12.88 -10.29 6.14
N GLY A 104 13.01 -11.29 5.26
CA GLY A 104 13.55 -11.04 3.93
C GLY A 104 12.46 -10.61 2.94
N TYR A 105 12.87 -10.23 1.73
CA TYR A 105 11.98 -9.87 0.64
C TYR A 105 11.10 -11.04 0.29
N PRO A 106 9.77 -10.86 0.26
CA PRO A 106 8.88 -11.84 -0.34
C PRO A 106 8.77 -11.62 -1.84
N PRO A 107 8.26 -12.61 -2.56
CA PRO A 107 7.91 -12.38 -3.97
C PRO A 107 6.88 -11.28 -4.05
N THR A 108 6.92 -10.42 -5.09
CA THR A 108 6.08 -9.21 -5.08
C THR A 108 4.61 -9.57 -5.15
N VAL A 109 4.31 -10.77 -5.63
CA VAL A 109 2.98 -11.26 -5.82
C VAL A 109 2.43 -11.96 -4.57
N GLY A 110 3.31 -12.21 -3.60
CA GLY A 110 2.95 -12.87 -2.36
C GLY A 110 3.78 -14.12 -2.15
N ALA A 111 3.94 -14.50 -0.90
CA ALA A 111 4.63 -15.73 -0.51
C ALA A 111 3.86 -16.92 -1.06
N ASP A 112 4.58 -17.88 -1.65
CA ASP A 112 3.96 -19.09 -2.19
C ASP A 112 3.00 -19.74 -1.20
N ASN A 113 3.42 -19.89 0.06
CA ASN A 113 2.64 -20.71 1.00
C ASN A 113 1.31 -20.03 1.32
N LEU A 114 1.30 -18.71 1.48
CA LEU A 114 0.06 -17.98 1.76
C LEU A 114 -0.88 -18.06 0.54
N ARG A 115 -0.31 -17.97 -0.65
CA ARG A 115 -1.15 -18.04 -1.84
C ARG A 115 -1.83 -19.42 -1.90
N GLN A 116 -1.08 -20.47 -1.56
CA GLN A 116 -1.65 -21.81 -1.54
C GLN A 116 -2.73 -21.92 -0.48
N VAL A 117 -2.46 -21.31 0.67
CA VAL A 117 -3.38 -21.37 1.82
C VAL A 117 -4.68 -20.61 1.54
N VAL A 118 -4.58 -19.43 0.94
CA VAL A 118 -5.75 -18.64 0.63
C VAL A 118 -6.64 -19.38 -0.33
N SER A 119 -6.00 -20.02 -1.30
CA SER A 119 -6.70 -20.81 -2.30
C SER A 119 -7.49 -21.93 -1.61
N THR A 120 -6.84 -22.58 -0.65
CA THR A 120 -7.47 -23.67 0.10
C THR A 120 -8.63 -23.16 0.93
N TYR A 121 -8.42 -21.99 1.54
CA TYR A 121 -9.44 -21.36 2.39
C TYR A 121 -10.71 -21.01 1.62
N TRP A 122 -10.56 -20.45 0.42
CA TRP A 122 -11.71 -19.96 -0.33
C TRP A 122 -12.54 -21.12 -0.87
N ARG A 123 -11.96 -22.32 -0.86
CA ARG A 123 -12.64 -23.51 -1.33
C ARG A 123 -13.85 -23.85 -0.50
N ARG A 124 -13.85 -23.41 0.75
CA ARG A 124 -14.96 -23.72 1.64
C ARG A 124 -16.22 -22.98 1.23
N PHE A 125 -16.07 -21.96 0.39
CA PHE A 125 -17.20 -21.19 -0.10
C PHE A 125 -17.78 -21.79 -1.38
N CYS A 126 -17.17 -22.89 -1.83
CA CYS A 126 -17.60 -23.60 -3.03
C CYS A 126 -18.21 -24.94 -2.66
N GLN A 127 -19.39 -25.22 -3.18
CA GLN A 127 -20.09 -26.43 -2.78
C GLN A 127 -19.71 -27.67 -3.58
N THR A 128 -18.79 -27.57 -4.52
CA THR A 128 -18.52 -28.68 -5.45
C THR A 128 -17.04 -28.81 -5.82
N LYS A 129 -16.64 -30.03 -6.18
CA LYS A 129 -15.25 -30.34 -6.49
C LYS A 129 -14.78 -29.51 -7.68
N SER A 130 -15.63 -29.37 -8.69
CA SER A 130 -15.27 -28.61 -9.88
C SER A 130 -15.10 -27.12 -9.59
N ARG A 131 -15.97 -26.58 -8.74
CA ARG A 131 -15.89 -25.18 -8.31
C ARG A 131 -14.66 -25.02 -7.47
N GLN A 132 -14.39 -26.00 -6.63
CA GLN A 132 -13.21 -25.96 -5.81
C GLN A 132 -11.95 -26.05 -6.70
N GLU A 133 -11.99 -26.92 -7.70
CA GLU A 133 -10.81 -27.10 -8.55
C GLU A 133 -10.53 -25.84 -9.36
N ALA A 134 -11.53 -24.98 -9.52
CA ALA A 134 -11.36 -23.76 -10.35
C ALA A 134 -10.63 -22.67 -9.60
N LEU A 135 -10.45 -22.87 -8.31
CA LEU A 135 -9.63 -22.01 -7.46
C LEU A 135 -8.20 -22.46 -7.44
N LYS A 136 -7.29 -21.68 -7.99
CA LYS A 136 -5.90 -22.10 -8.04
C LYS A 136 -4.99 -21.08 -7.45
N TRP A 137 -3.99 -21.55 -6.70
CA TRP A 137 -3.09 -20.63 -6.04
C TRP A 137 -2.30 -19.79 -7.06
N GLU A 138 -2.14 -20.31 -8.28
CA GLU A 138 -1.49 -19.53 -9.34
C GLU A 138 -2.24 -18.24 -9.60
N ASN A 139 -3.54 -18.21 -9.31
CA ASN A 139 -4.42 -17.05 -9.59
C ASN A 139 -4.77 -16.20 -8.38
N VAL A 140 -4.01 -16.41 -7.31
CA VAL A 140 -4.10 -15.60 -6.11
C VAL A 140 -2.96 -14.59 -6.06
N ILE A 141 -3.29 -13.37 -5.69
CA ILE A 141 -2.29 -12.35 -5.47
C ILE A 141 -2.46 -11.77 -4.08
N ILE A 142 -1.36 -11.71 -3.33
CA ILE A 142 -1.38 -11.13 -2.02
C ILE A 142 -1.11 -9.62 -2.21
N THR A 143 -1.95 -8.82 -1.55
CA THR A 143 -1.98 -7.37 -1.74
C THR A 143 -1.86 -6.62 -0.43
N SER A 144 -1.51 -5.34 -0.49
CA SER A 144 -1.34 -4.53 0.70
C SER A 144 -2.72 -3.98 1.14
N GLY A 145 -3.50 -4.89 1.72
CA GLY A 145 -4.88 -4.64 2.03
C GLY A 145 -5.70 -4.82 0.77
N VAL A 146 -7.03 -4.88 0.90
CA VAL A 146 -7.89 -4.93 -0.27
C VAL A 146 -7.77 -3.63 -1.04
N SER A 147 -7.43 -2.54 -0.36
CA SER A 147 -7.25 -1.27 -1.06
C SER A 147 -6.23 -1.42 -2.17
N GLN A 148 -5.11 -2.07 -1.95
CA GLN A 148 -4.19 -2.27 -3.07
C GLN A 148 -4.80 -3.22 -4.10
N ALA A 149 -5.52 -4.24 -3.62
CA ALA A 149 -6.13 -5.18 -4.55
C ALA A 149 -7.04 -4.45 -5.52
N ILE A 150 -7.69 -3.39 -5.03
CA ILE A 150 -8.55 -2.58 -5.88
C ILE A 150 -7.75 -1.78 -6.88
N VAL A 151 -6.66 -1.17 -6.44
CA VAL A 151 -5.76 -0.48 -7.36
C VAL A 151 -5.29 -1.41 -8.46
N LEU A 152 -4.76 -2.56 -8.07
CA LEU A 152 -4.19 -3.48 -9.05
C LEU A 152 -5.25 -3.97 -10.02
N ALA A 153 -6.43 -4.31 -9.51
CA ALA A 153 -7.47 -4.82 -10.39
C ALA A 153 -7.85 -3.78 -11.45
N LEU A 154 -8.10 -2.55 -11.03
CA LEU A 154 -8.57 -1.55 -11.96
C LEU A 154 -7.49 -1.02 -12.88
N THR A 155 -6.30 -0.74 -12.38
CA THR A 155 -5.30 -0.07 -13.21
C THR A 155 -4.57 -1.07 -14.13
N ALA A 156 -4.77 -2.37 -13.89
CA ALA A 156 -4.23 -3.40 -14.78
C ALA A 156 -5.27 -3.68 -15.88
N LEU A 157 -6.50 -3.22 -15.70
CA LEU A 157 -7.59 -3.53 -16.62
C LEU A 157 -7.92 -2.34 -17.54
N CYS A 158 -7.97 -1.15 -16.94
CA CYS A 158 -8.52 0.04 -17.60
C CYS A 158 -7.41 1.02 -17.97
N ASN A 159 -7.69 1.74 -19.03
CA ASN A 159 -6.94 2.91 -19.39
C ASN A 159 -7.81 4.13 -19.08
N GLU A 160 -7.17 5.29 -19.03
CA GLU A 160 -7.86 6.53 -18.84
C GLU A 160 -8.85 6.71 -19.97
N GLY A 161 -10.10 6.99 -19.66
CA GLY A 161 -11.16 7.10 -20.65
C GLY A 161 -12.12 5.91 -20.64
N ASP A 162 -11.71 4.86 -19.96
CA ASP A 162 -12.58 3.71 -19.76
C ASP A 162 -13.58 4.01 -18.65
N ASN A 163 -14.60 3.17 -18.55
CA ASN A 163 -15.50 3.22 -17.40
C ASN A 163 -15.77 1.84 -16.79
N ILE A 164 -16.14 1.80 -15.50
CA ILE A 164 -16.64 0.57 -14.87
C ILE A 164 -17.97 0.85 -14.18
N LEU A 165 -18.79 -0.19 -14.04
CA LEU A 165 -20.07 -0.11 -13.40
C LEU A 165 -19.86 -0.48 -11.95
N VAL A 166 -20.18 0.47 -11.06
CA VAL A 166 -19.99 0.32 -9.60
C VAL A 166 -21.30 0.62 -8.87
N CYS A 167 -21.64 -0.19 -7.87
CA CYS A 167 -22.85 0.07 -7.09
C CYS A 167 -22.75 1.41 -6.37
N ALA A 168 -23.90 2.04 -6.15
CA ALA A 168 -24.04 3.19 -5.23
C ALA A 168 -25.28 2.88 -4.39
N PRO A 169 -25.18 2.99 -3.06
CA PRO A 169 -24.02 3.47 -2.31
C PRO A 169 -22.95 2.42 -2.16
N SER A 170 -21.73 2.88 -1.94
CA SER A 170 -20.59 2.01 -1.97
C SER A 170 -19.47 2.55 -1.12
N PHE A 171 -18.69 1.61 -0.59
CA PHE A 171 -17.37 1.85 0.00
C PHE A 171 -16.62 2.80 -0.94
N PRO A 172 -16.18 3.95 -0.44
CA PRO A 172 -15.76 5.01 -1.38
C PRO A 172 -14.48 4.76 -2.20
N HIS A 173 -13.74 3.69 -1.92
CA HIS A 173 -12.46 3.51 -2.55
C HIS A 173 -12.56 3.25 -4.05
N TYR A 174 -13.61 2.59 -4.55
CA TYR A 174 -13.71 2.33 -5.98
C TYR A 174 -13.75 3.64 -6.74
N LYS A 175 -14.55 4.56 -6.22
CA LYS A 175 -14.68 5.87 -6.83
C LYS A 175 -13.37 6.65 -6.73
N SER A 176 -12.71 6.54 -5.59
CA SER A 176 -11.49 7.30 -5.38
C SER A 176 -10.39 6.87 -6.31
N VAL A 177 -10.27 5.57 -6.54
CA VAL A 177 -9.23 5.02 -7.41
C VAL A 177 -9.54 5.33 -8.85
N CYS A 178 -10.80 5.16 -9.25
CA CYS A 178 -11.21 5.52 -10.61
C CYS A 178 -10.84 6.96 -10.93
N ASP A 179 -11.27 7.90 -10.09
CA ASP A 179 -11.00 9.30 -10.37
C ASP A 179 -9.50 9.57 -10.36
N SER A 180 -8.77 8.87 -9.50
CA SER A 180 -7.35 9.08 -9.41
C SER A 180 -6.65 8.75 -10.75
N TYR A 181 -7.20 7.75 -11.44
CA TYR A 181 -6.59 7.22 -12.62
C TYR A 181 -7.31 7.61 -13.87
N GLY A 182 -8.30 8.48 -13.75
CA GLY A 182 -8.97 8.97 -14.94
C GLY A 182 -9.89 7.92 -15.53
N ILE A 183 -10.26 6.94 -14.73
CA ILE A 183 -11.29 5.98 -15.09
C ILE A 183 -12.65 6.51 -14.59
N GLU A 184 -13.73 6.35 -15.37
CA GLU A 184 -15.04 6.80 -14.92
C GLU A 184 -15.69 5.73 -14.07
N CYS A 185 -16.11 6.14 -12.86
CA CYS A 185 -16.96 5.35 -11.95
C CYS A 185 -18.41 5.60 -12.29
N ARG A 186 -19.00 4.66 -12.99
CA ARG A 186 -20.34 4.82 -13.50
C ARG A 186 -21.26 4.02 -12.61
N TYR A 187 -22.03 4.75 -11.83
CA TYR A 187 -22.88 4.17 -10.81
C TYR A 187 -24.09 3.50 -11.35
N TYR A 188 -24.35 2.28 -10.90
CA TYR A 188 -25.72 1.73 -10.98
C TYR A 188 -26.26 1.75 -9.52
N TYR A 189 -27.58 1.83 -9.33
CA TYR A 189 -28.11 2.12 -7.99
C TYR A 189 -28.63 0.84 -7.34
N LEU A 190 -28.44 0.79 -6.03
CA LEU A 190 -28.92 -0.30 -5.20
C LEU A 190 -30.31 0.09 -4.69
N ASP A 191 -31.21 -0.88 -4.56
CA ASP A 191 -32.61 -0.60 -4.17
C ASP A 191 -32.91 -0.90 -2.68
N PRO A 192 -33.09 0.14 -1.86
CA PRO A 192 -33.34 -0.08 -0.41
C PRO A 192 -34.64 -0.83 -0.11
N SER A 193 -35.49 -0.98 -1.10
CA SER A 193 -36.80 -1.60 -0.87
C SER A 193 -36.85 -3.00 -1.44
N LYS A 194 -35.75 -3.40 -2.10
CA LYS A 194 -35.61 -4.75 -2.57
C LYS A 194 -34.26 -5.24 -2.03
N SER A 195 -34.03 -4.96 -0.75
CA SER A 195 -32.89 -5.52 -0.01
C SER A 195 -31.54 -5.07 -0.57
N TRP A 196 -31.52 -3.82 -1.02
CA TRP A 196 -30.31 -3.18 -1.50
C TRP A 196 -29.75 -3.95 -2.68
N GLU A 197 -30.65 -4.55 -3.47
CA GLU A 197 -30.25 -5.24 -4.69
C GLU A 197 -29.89 -4.31 -5.83
N CYS A 198 -29.06 -4.83 -6.74
CA CYS A 198 -28.58 -4.14 -7.93
C CYS A 198 -29.72 -3.97 -8.88
N ASP A 199 -29.92 -2.75 -9.35
CA ASP A 199 -30.86 -2.53 -10.42
C ASP A 199 -30.20 -2.92 -11.77
N LEU A 200 -30.26 -4.21 -12.13
CA LEU A 200 -29.62 -4.66 -13.36
C LEU A 200 -30.28 -4.15 -14.63
N ARG A 201 -31.55 -3.81 -14.57
CA ARG A 201 -32.26 -3.35 -15.75
C ARG A 201 -31.73 -1.99 -16.12
N ALA A 202 -31.57 -1.14 -15.13
CA ALA A 202 -31.01 0.18 -15.39
C ALA A 202 -29.55 0.05 -15.81
N ALA A 203 -28.82 -0.87 -15.19
CA ALA A 203 -27.40 -1.02 -15.46
C ALA A 203 -27.13 -1.36 -16.90
N ALA A 204 -28.03 -2.11 -17.53
CA ALA A 204 -27.85 -2.52 -18.91
C ALA A 204 -27.68 -1.32 -19.86
N GLY A 205 -28.37 -0.21 -19.58
CA GLY A 205 -28.33 0.96 -20.45
C GLY A 205 -27.06 1.76 -20.27
N MET A 206 -26.27 1.40 -19.28
CA MET A 206 -25.05 2.14 -19.00
C MET A 206 -23.80 1.53 -19.65
N VAL A 207 -23.94 0.35 -20.21
CA VAL A 207 -22.81 -0.37 -20.79
C VAL A 207 -22.50 0.16 -22.18
N ASP A 208 -21.25 0.54 -22.42
CA ASP A 208 -20.85 0.88 -23.78
C ASP A 208 -19.49 0.25 -24.10
N SER A 209 -18.93 0.64 -25.23
CA SER A 209 -17.69 0.05 -25.74
C SER A 209 -16.52 0.29 -24.84
N HIS A 210 -16.63 1.28 -23.96
CA HIS A 210 -15.53 1.59 -23.04
C HIS A 210 -15.75 1.02 -21.64
N THR A 211 -16.83 0.28 -21.42
CA THR A 211 -17.12 -0.29 -20.11
C THR A 211 -16.28 -1.55 -19.91
N LYS A 212 -15.49 -1.63 -18.84
CA LYS A 212 -14.51 -2.71 -18.68
C LYS A 212 -14.77 -3.68 -17.55
N ALA A 213 -15.68 -3.37 -16.64
CA ALA A 213 -15.94 -4.25 -15.51
C ALA A 213 -17.24 -3.89 -14.82
N PHE A 214 -17.76 -4.84 -14.06
CA PHE A 214 -18.91 -4.67 -13.20
C PHE A 214 -18.44 -4.97 -11.78
N VAL A 215 -18.54 -4.01 -10.88
CA VAL A 215 -18.10 -4.19 -9.51
C VAL A 215 -19.29 -4.41 -8.58
N ILE A 216 -19.23 -5.47 -7.75
CA ILE A 216 -20.17 -5.61 -6.67
C ILE A 216 -19.43 -5.69 -5.34
N ILE A 217 -20.14 -5.30 -4.28
CA ILE A 217 -19.69 -5.45 -2.93
C ILE A 217 -20.68 -6.31 -2.17
N ASN A 218 -20.25 -7.49 -1.76
CA ASN A 218 -21.15 -8.44 -1.17
C ASN A 218 -20.45 -9.38 -0.18
N PRO A 219 -20.76 -9.31 1.11
CA PRO A 219 -21.74 -8.43 1.73
C PRO A 219 -21.34 -6.98 1.63
N SER A 220 -22.30 -6.07 1.82
CA SER A 220 -22.07 -4.66 1.51
C SER A 220 -21.72 -3.73 2.68
N ASN A 221 -20.66 -2.94 2.48
CA ASN A 221 -20.43 -1.68 3.16
C ASN A 221 -20.81 -0.59 2.18
N PRO A 222 -21.79 0.30 2.48
CA PRO A 222 -22.40 0.61 3.77
C PRO A 222 -23.75 -0.04 4.08
N CYS A 223 -24.33 -0.91 3.23
CA CYS A 223 -25.79 -1.23 3.36
C CYS A 223 -26.12 -2.39 4.32
N GLY A 224 -25.12 -3.24 4.59
CA GLY A 224 -25.30 -4.40 5.47
C GLY A 224 -26.00 -5.56 4.80
N SER A 225 -26.17 -5.46 3.49
CA SER A 225 -26.90 -6.47 2.74
C SER A 225 -26.07 -7.72 2.54
N ASN A 226 -26.80 -8.82 2.37
CA ASN A 226 -26.23 -10.09 2.00
C ASN A 226 -27.07 -10.68 0.91
N PHE A 227 -26.51 -10.70 -0.30
CA PHE A 227 -27.22 -11.13 -1.50
C PHE A 227 -27.67 -12.58 -1.50
N SER A 228 -28.89 -12.81 -1.97
CA SER A 228 -29.39 -14.16 -2.21
C SER A 228 -28.56 -14.81 -3.33
N ARG A 229 -28.57 -16.13 -3.39
CA ARG A 229 -27.91 -16.84 -4.43
C ARG A 229 -28.49 -16.38 -5.75
N ALA A 230 -29.80 -16.18 -5.78
CA ALA A 230 -30.47 -15.91 -7.05
C ALA A 230 -30.04 -14.57 -7.62
N HIS A 231 -29.83 -13.59 -6.77
CA HIS A 231 -29.39 -12.28 -7.26
C HIS A 231 -27.94 -12.37 -7.75
N VAL A 232 -27.08 -13.13 -7.06
CA VAL A 232 -25.70 -13.25 -7.50
C VAL A 232 -25.67 -13.99 -8.86
N SER A 233 -26.55 -14.98 -9.01
CA SER A 233 -26.69 -15.69 -10.28
C SER A 233 -27.04 -14.74 -11.39
N ASP A 234 -27.96 -13.83 -11.09
CA ASP A 234 -28.43 -12.86 -12.08
C ASP A 234 -27.31 -11.87 -12.44
N ILE A 235 -26.53 -11.45 -11.44
CA ILE A 235 -25.41 -10.56 -11.70
C ILE A 235 -24.41 -11.21 -12.67
N ILE A 236 -24.11 -12.48 -12.43
CA ILE A 236 -23.22 -13.22 -13.30
C ILE A 236 -23.83 -13.30 -14.69
N ASP A 237 -25.12 -13.58 -14.80
CA ASP A 237 -25.73 -13.64 -16.13
C ASP A 237 -25.61 -12.30 -16.82
N PHE A 238 -25.77 -11.24 -16.07
CA PHE A 238 -25.61 -9.90 -16.64
C PHE A 238 -24.22 -9.69 -17.25
N CYS A 239 -23.20 -10.15 -16.54
CA CYS A 239 -21.80 -10.01 -16.97
C CYS A 239 -21.54 -10.88 -18.19
N GLN A 240 -22.24 -12.00 -18.28
CA GLN A 240 -22.12 -12.85 -19.44
C GLN A 240 -22.73 -12.21 -20.71
N GLN A 241 -23.93 -11.69 -20.59
CA GLN A 241 -24.62 -11.04 -21.66
C GLN A 241 -23.79 -9.87 -22.18
N HIS A 242 -23.20 -9.10 -21.27
CA HIS A 242 -22.47 -7.91 -21.69
C HIS A 242 -20.97 -8.15 -21.86
N GLN A 243 -20.50 -9.36 -21.57
CA GLN A 243 -19.10 -9.74 -21.79
CA GLN A 243 -19.10 -9.73 -21.80
C GLN A 243 -18.11 -8.81 -21.11
N ILE A 244 -18.36 -8.56 -19.83
CA ILE A 244 -17.42 -7.85 -18.99
C ILE A 244 -17.14 -8.69 -17.76
N PRO A 245 -15.93 -8.62 -17.22
CA PRO A 245 -15.54 -9.35 -16.02
C PRO A 245 -16.24 -8.81 -14.77
N LEU A 246 -16.39 -9.67 -13.77
CA LEU A 246 -17.04 -9.34 -12.54
C LEU A 246 -16.04 -9.24 -11.41
N ILE A 247 -15.99 -8.08 -10.76
CA ILE A 247 -15.13 -7.88 -9.58
C ILE A 247 -16.02 -7.85 -8.34
N SER A 248 -15.75 -8.72 -7.38
CA SER A 248 -16.60 -8.88 -6.22
C SER A 248 -15.82 -8.71 -4.96
N ASP A 249 -16.15 -7.66 -4.22
CA ASP A 249 -15.51 -7.39 -2.93
C ASP A 249 -16.19 -8.19 -1.83
N GLU A 250 -15.57 -9.30 -1.45
CA GLU A 250 -16.17 -10.26 -0.55
C GLU A 250 -15.39 -10.29 0.76
N ILE A 251 -14.99 -9.10 1.18
CA ILE A 251 -14.19 -9.01 2.40
C ILE A 251 -15.00 -9.29 3.65
N TYR A 252 -16.32 -9.14 3.58
CA TYR A 252 -17.18 -9.44 4.73
C TYR A 252 -17.76 -10.85 4.67
N ALA A 253 -17.12 -11.73 3.90
CA ALA A 253 -17.59 -13.10 3.69
C ALA A 253 -17.91 -13.88 4.98
N GLU A 254 -17.14 -13.67 6.05
CA GLU A 254 -17.26 -14.43 7.31
C GLU A 254 -18.22 -13.75 8.28
N MET A 255 -18.71 -12.58 7.88
CA MET A 255 -19.49 -11.72 8.79
C MET A 255 -20.94 -11.57 8.36
N VAL A 256 -21.55 -12.69 7.99
CA VAL A 256 -22.99 -12.78 7.79
C VAL A 256 -23.67 -13.05 9.12
N LEU A 257 -24.82 -12.40 9.34
CA LEU A 257 -25.59 -12.51 10.59
C LEU A 257 -26.79 -13.47 10.48
N ASN A 258 -27.39 -13.79 11.62
CA ASN A 258 -28.68 -14.49 11.63
C ASN A 258 -28.67 -15.82 10.86
N ASN A 259 -27.59 -16.60 10.95
CA ASN A 259 -27.51 -17.91 10.28
C ASN A 259 -27.68 -17.80 8.75
N GLY A 260 -27.40 -16.61 8.22
CA GLY A 260 -27.48 -16.35 6.78
C GLY A 260 -26.48 -17.17 5.99
N ILE A 261 -26.74 -17.31 4.69
CA ILE A 261 -25.84 -18.00 3.77
C ILE A 261 -25.09 -17.01 2.91
N PHE A 262 -23.79 -17.11 2.90
CA PHE A 262 -23.01 -16.25 2.06
C PHE A 262 -22.82 -16.96 0.74
N THR A 263 -23.08 -16.24 -0.35
CA THR A 263 -22.88 -16.78 -1.70
C THR A 263 -21.74 -16.04 -2.38
N SER A 264 -20.60 -16.72 -2.52
CA SER A 264 -19.44 -16.15 -3.22
C SER A 264 -19.60 -16.30 -4.73
N VAL A 265 -19.09 -15.35 -5.51
CA VAL A 265 -19.19 -15.46 -6.96
C VAL A 265 -18.38 -16.67 -7.42
N ALA A 266 -17.57 -17.19 -6.52
CA ALA A 266 -16.82 -18.42 -6.78
C ALA A 266 -17.71 -19.66 -6.88
N ASP A 267 -18.87 -19.65 -6.23
CA ASP A 267 -19.69 -20.87 -6.07
C ASP A 267 -20.66 -21.09 -7.23
N PHE A 268 -20.15 -21.01 -8.45
CA PHE A 268 -20.99 -21.12 -9.63
C PHE A 268 -20.25 -21.81 -10.73
N ASP A 269 -21.01 -22.43 -11.61
CA ASP A 269 -20.46 -23.07 -12.78
C ASP A 269 -20.65 -22.11 -13.93
N THR A 270 -19.60 -21.36 -14.22
CA THR A 270 -19.65 -20.33 -15.24
C THR A 270 -18.27 -20.03 -15.78
N ASN A 271 -18.20 -19.58 -17.02
CA ASN A 271 -16.93 -19.16 -17.59
C ASN A 271 -16.75 -17.64 -17.57
N VAL A 272 -17.71 -16.94 -16.97
CA VAL A 272 -17.54 -15.52 -16.75
C VAL A 272 -16.32 -15.30 -15.86
N PRO A 273 -15.36 -14.48 -16.30
CA PRO A 273 -14.20 -14.25 -15.44
C PRO A 273 -14.59 -13.43 -14.18
N ARG A 274 -14.14 -13.84 -13.01
CA ARG A 274 -14.46 -13.17 -11.76
C ARG A 274 -13.21 -12.89 -10.96
N LEU A 275 -13.09 -11.69 -10.43
CA LEU A 275 -11.97 -11.37 -9.53
C LEU A 275 -12.53 -11.07 -8.12
N ILE A 276 -12.20 -11.92 -7.19
CA ILE A 276 -12.69 -11.84 -5.83
C ILE A 276 -11.66 -11.13 -4.97
N LEU A 277 -12.09 -10.10 -4.25
CA LEU A 277 -11.23 -9.37 -3.32
C LEU A 277 -11.67 -9.76 -1.92
N GLY A 278 -10.72 -10.06 -1.04
CA GLY A 278 -11.03 -10.50 0.31
C GLY A 278 -9.79 -10.40 1.15
N GLY A 279 -9.88 -10.85 2.40
CA GLY A 279 -8.78 -10.78 3.32
C GLY A 279 -9.24 -11.01 4.75
N THR A 280 -8.37 -10.66 5.71
CA THR A 280 -8.64 -10.92 7.11
C THR A 280 -8.86 -9.62 7.87
N ALA A 281 -8.74 -8.47 7.22
CA ALA A 281 -8.76 -7.16 7.90
C ALA A 281 -9.97 -6.97 8.81
N1 LLP A 282 -13.68 -3.39 0.93
C2 LLP A 282 -14.74 -2.98 1.66
C2' LLP A 282 -16.11 -2.94 1.06
C3 LLP A 282 -14.53 -2.58 3.05
O3 LLP A 282 -15.57 -2.14 3.76
C4 LLP A 282 -13.17 -2.62 3.61
C4' LLP A 282 -12.92 -2.17 5.02
C5 LLP A 282 -12.09 -3.05 2.72
C6 LLP A 282 -12.43 -3.43 1.42
C5' LLP A 282 -10.67 -3.24 3.23
OP4 LLP A 282 -9.71 -2.23 3.10
P LLP A 282 -8.24 -2.64 3.51
OP1 LLP A 282 -7.57 -1.88 2.35
OP2 LLP A 282 -8.26 -2.08 4.90
OP3 LLP A 282 -7.90 -4.16 3.70
N LLP A 282 -11.17 -7.39 8.38
CA LLP A 282 -12.35 -7.12 9.16
CB LLP A 282 -13.49 -6.88 8.18
CG LLP A 282 -13.24 -5.69 7.25
CD LLP A 282 -13.22 -4.37 8.07
CE LLP A 282 -12.66 -3.19 7.30
NZ LLP A 282 -12.91 -3.31 5.88
C LLP A 282 -12.66 -8.26 10.08
O LLP A 282 -12.82 -8.02 11.32
H2 LLP A 282 -10.88 -6.74 7.66
H2'1 LLP A 282 -16.59 -3.86 1.21
H2'2 LLP A 282 -16.66 -2.17 1.51
H2'3 LLP A 282 -16.02 -2.75 0.02
HO3 LLP A 282 -15.67 -1.17 3.64
H4'1 LLP A 282 -11.96 -1.64 5.09
H6 LLP A 282 -11.65 -3.81 0.77
H5'1 LLP A 282 -10.27 -4.13 2.75
H5'2 LLP A 282 -10.74 -3.47 4.29
H LLP A 282 -10.63 -8.22 8.57
HA LLP A 282 -12.21 -6.21 9.76
HB2 LLP A 282 -14.41 -6.71 8.74
HB3 LLP A 282 -13.64 -7.78 7.57
HG2 LLP A 282 -14.01 -5.64 6.49
HG3 LLP A 282 -12.27 -5.81 6.76
HD2 LLP A 282 -12.63 -4.52 8.97
HD3 LLP A 282 -14.25 -4.14 8.38
HE2 LLP A 282 -11.59 -3.12 7.47
HE3 LLP A 282 -13.12 -2.27 7.66
H4'2 LLP A 282 -13.71 -1.48 5.35
HZ1 LLP A 282 -13.06 -4.23 5.48
N TYR A 283 -12.76 -9.50 9.59
CA TYR A 283 -13.25 -10.55 10.45
C TYR A 283 -12.19 -11.07 11.45
N GLN A 284 -10.90 -10.77 11.24
CA GLN A 284 -9.86 -11.03 12.25
C GLN A 284 -9.37 -9.73 12.87
N VAL A 285 -10.09 -8.63 12.61
CA VAL A 285 -9.96 -7.41 13.38
C VAL A 285 -8.52 -6.91 13.35
N CYS A 286 -7.95 -6.77 12.14
CA CYS A 286 -6.56 -6.32 12.03
C CYS A 286 -6.34 -5.59 10.70
N PRO A 287 -7.15 -4.57 10.42
CA PRO A 287 -7.01 -3.85 9.15
C PRO A 287 -5.66 -3.21 8.97
N GLY A 288 -5.05 -2.80 10.09
CA GLY A 288 -3.80 -2.07 10.04
C GLY A 288 -2.59 -2.88 9.59
N TRP A 289 -2.73 -4.19 9.56
CA TRP A 289 -1.63 -5.05 9.18
C TRP A 289 -1.38 -4.96 7.67
N ARG A 290 -2.36 -4.44 6.93
CA ARG A 290 -2.25 -4.19 5.50
C ARG A 290 -1.96 -5.46 4.72
N VAL A 291 -2.86 -6.44 4.87
CA VAL A 291 -2.81 -7.64 4.06
C VAL A 291 -4.20 -7.96 3.54
N GLY A 292 -4.29 -8.33 2.27
CA GLY A 292 -5.52 -8.77 1.65
C GLY A 292 -5.12 -9.53 0.40
N TRP A 293 -6.06 -9.89 -0.44
CA TRP A 293 -5.75 -10.64 -1.62
C TRP A 293 -6.78 -10.50 -2.70
N SER A 294 -6.44 -10.95 -3.90
CA SER A 294 -7.36 -11.07 -5.01
C SER A 294 -7.22 -12.48 -5.57
N ILE A 295 -8.34 -13.05 -5.99
CA ILE A 295 -8.40 -14.40 -6.58
C ILE A 295 -9.12 -14.35 -7.92
N LEU A 296 -8.41 -14.70 -9.00
CA LEU A 296 -9.02 -14.72 -10.32
C LEU A 296 -9.53 -16.12 -10.63
N ILE A 297 -10.80 -16.22 -11.03
CA ILE A 297 -11.39 -17.48 -11.46
C ILE A 297 -11.87 -17.30 -12.89
N ASP A 298 -11.20 -18.03 -13.78
CA ASP A 298 -11.27 -17.82 -15.22
C ASP A 298 -11.06 -19.17 -15.89
N PRO A 299 -12.10 -20.00 -15.94
CA PRO A 299 -11.93 -21.38 -16.40
C PRO A 299 -11.55 -21.53 -17.86
N MET A 300 -11.99 -20.64 -18.74
CA MET A 300 -11.65 -20.70 -20.16
C MET A 300 -10.43 -19.86 -20.46
N ASN A 301 -9.75 -19.37 -19.42
CA ASN A 301 -8.55 -18.54 -19.64
C ASN A 301 -8.76 -17.41 -20.68
N VAL A 302 -9.74 -16.53 -20.45
CA VAL A 302 -9.97 -15.35 -21.32
C VAL A 302 -9.40 -14.08 -20.70
N ALA A 303 -8.85 -14.18 -19.50
CA ALA A 303 -8.38 -12.99 -18.81
C ALA A 303 -6.96 -13.15 -18.33
N GLY A 304 -6.19 -14.01 -18.97
CA GLY A 304 -4.80 -14.24 -18.60
C GLY A 304 -3.99 -12.96 -18.64
N ASP A 305 -4.23 -12.10 -19.62
CA ASP A 305 -3.50 -10.87 -19.70
C ASP A 305 -3.82 -9.96 -18.50
N TRP A 306 -5.06 -10.01 -17.99
CA TRP A 306 -5.41 -9.20 -16.83
C TRP A 306 -4.55 -9.66 -15.65
N ALA A 307 -4.47 -10.96 -15.49
CA ALA A 307 -3.71 -11.54 -14.41
C ALA A 307 -2.22 -11.17 -14.50
N VAL A 308 -1.65 -11.37 -15.67
CA VAL A 308 -0.25 -11.00 -15.90
C VAL A 308 -0.05 -9.50 -15.60
N GLY A 309 -1.01 -8.65 -16.01
CA GLY A 309 -0.92 -7.23 -15.75
C GLY A 309 -0.86 -6.90 -14.26
N MET A 310 -1.75 -7.52 -13.48
CA MET A 310 -1.78 -7.27 -12.02
C MET A 310 -0.47 -7.69 -11.38
N GLU A 311 0.03 -8.84 -11.81
CA GLU A 311 1.30 -9.33 -11.34
C GLU A 311 2.42 -8.37 -11.61
N ARG A 312 2.46 -7.89 -12.83
CA ARG A 312 3.51 -6.96 -13.17
C ARG A 312 3.47 -5.75 -12.27
N LEU A 313 2.25 -5.27 -12.01
CA LEU A 313 2.05 -4.04 -11.22
C LEU A 313 2.33 -4.20 -9.71
N THR A 314 2.41 -5.43 -9.21
CA THR A 314 2.85 -5.62 -7.82
C THR A 314 4.30 -5.22 -7.67
N GLN A 315 5.03 -5.13 -8.78
CA GLN A 315 6.44 -4.81 -8.66
C GLN A 315 6.63 -3.39 -8.15
N LEU A 316 5.63 -2.55 -8.29
CA LEU A 316 5.88 -1.13 -8.02
C LEU A 316 6.12 -0.78 -6.55
N ILE A 317 5.40 -1.39 -5.60
CA ILE A 317 5.74 -1.19 -4.17
C ILE A 317 6.46 -2.40 -3.61
N ALA A 318 6.57 -3.45 -4.42
CA ALA A 318 7.38 -4.64 -4.14
C ALA A 318 6.80 -5.46 -2.98
N GLY A 319 5.48 -5.54 -2.88
CA GLY A 319 4.89 -6.58 -2.07
C GLY A 319 4.39 -6.20 -0.67
N VAL A 320 4.29 -7.23 0.17
CA VAL A 320 3.50 -7.16 1.41
C VAL A 320 4.25 -7.70 2.62
N ASN A 321 4.00 -7.10 3.78
CA ASN A 321 4.62 -7.44 5.06
C ASN A 321 4.86 -8.95 5.23
N SER A 322 6.12 -9.33 5.30
CA SER A 322 6.50 -10.73 5.30
C SER A 322 6.09 -11.43 6.62
N ILE A 323 6.10 -10.71 7.75
CA ILE A 323 5.71 -11.33 9.04
C ILE A 323 4.26 -11.80 9.01
N CYS A 324 3.38 -10.92 8.56
CA CYS A 324 1.93 -11.20 8.56
C CYS A 324 1.58 -12.29 7.56
N GLN A 325 2.25 -12.32 6.40
CA GLN A 325 1.97 -13.33 5.38
C GLN A 325 2.27 -14.72 5.95
N GLU A 326 3.40 -14.89 6.60
CA GLU A 326 3.69 -16.19 7.20
C GLU A 326 2.75 -16.44 8.39
N ALA A 327 2.49 -15.43 9.22
CA ALA A 327 1.60 -15.65 10.38
C ALA A 327 0.22 -16.10 9.94
N ILE A 328 -0.27 -15.49 8.85
CA ILE A 328 -1.61 -15.81 8.36
C ILE A 328 -1.57 -17.13 7.62
N ALA A 329 -0.44 -17.43 6.99
CA ALA A 329 -0.28 -18.71 6.31
C ALA A 329 -0.37 -19.86 7.34
N ARG A 330 0.04 -19.58 8.57
CA ARG A 330 0.08 -20.62 9.62
C ARG A 330 -1.29 -20.82 10.28
N THR A 331 -2.15 -19.80 10.22
CA THR A 331 -3.35 -19.81 11.06
C THR A 331 -4.70 -19.65 10.31
N LEU A 332 -4.68 -19.20 9.08
CA LEU A 332 -5.93 -18.91 8.36
C LEU A 332 -6.86 -20.12 8.32
N LEU A 333 -6.28 -21.29 8.21
CA LEU A 333 -7.03 -22.54 8.14
C LEU A 333 -7.31 -23.11 9.52
N LYS A 334 -6.71 -22.55 10.56
CA LYS A 334 -6.82 -23.12 11.90
C LYS A 334 -7.75 -22.32 12.81
N CYS A 335 -8.19 -21.17 12.36
CA CYS A 335 -9.02 -20.31 13.18
C CYS A 335 -10.36 -20.94 13.36
N PRO A 336 -10.80 -21.06 14.63
CA PRO A 336 -12.05 -21.78 14.88
C PRO A 336 -13.26 -20.91 14.61
N THR A 337 -14.34 -21.58 14.20
CA THR A 337 -15.61 -20.93 13.96
C THR A 337 -16.02 -20.07 15.16
N GLU A 338 -15.62 -20.45 16.38
CA GLU A 338 -16.02 -19.74 17.60
C GLU A 338 -15.56 -18.26 17.65
N CYS A 339 -14.38 -17.98 17.10
CA CYS A 339 -13.79 -16.64 17.17
C CYS A 339 -14.67 -15.64 16.42
N THR A 340 -15.25 -16.11 15.33
CA THR A 340 -16.14 -15.33 14.50
C THR A 340 -17.55 -15.17 15.05
N GLU A 341 -18.09 -16.23 15.66
CA GLU A 341 -19.49 -16.18 16.07
C GLU A 341 -19.61 -15.19 17.21
N HIS A 342 -18.51 -14.97 17.91
CA HIS A 342 -18.47 -13.93 18.91
C HIS A 342 -18.65 -12.55 18.31
N ILE A 343 -17.99 -12.31 17.18
CA ILE A 343 -18.09 -11.00 16.56
C ILE A 343 -19.52 -10.78 16.04
N VAL A 344 -20.08 -11.84 15.43
CA VAL A 344 -21.43 -11.83 14.88
C VAL A 344 -22.46 -11.51 15.95
N THR A 345 -22.30 -12.12 17.11
CA THR A 345 -23.21 -11.91 18.23
C THR A 345 -23.23 -10.44 18.61
N GLN A 346 -22.05 -9.83 18.62
CA GLN A 346 -21.90 -8.42 18.97
C GLN A 346 -22.59 -7.52 17.96
N LEU A 347 -22.48 -7.91 16.69
CA LEU A 347 -23.08 -7.13 15.60
C LEU A 347 -24.61 -7.28 15.59
N GLU A 348 -25.13 -8.48 15.89
CA GLU A 348 -26.58 -8.67 15.94
C GLU A 348 -27.16 -7.76 17.05
N ALA A 349 -26.45 -7.65 18.17
CA ALA A 349 -26.94 -6.83 19.28
C ALA A 349 -26.91 -5.38 18.86
N GLY A 350 -25.88 -4.96 18.14
CA GLY A 350 -25.85 -3.57 17.71
C GLY A 350 -27.00 -3.28 16.75
N ALA A 351 -27.36 -4.28 15.96
CA ALA A 351 -28.42 -4.09 15.00
C ALA A 351 -29.74 -3.91 15.73
N LYS A 352 -29.96 -4.68 16.79
CA LYS A 352 -31.21 -4.60 17.53
C LYS A 352 -31.37 -3.19 18.08
N VAL A 353 -30.28 -2.55 18.48
CA VAL A 353 -30.37 -1.19 19.03
C VAL A 353 -30.84 -0.19 17.96
N TYR A 354 -30.40 -0.33 16.71
CA TYR A 354 -30.85 0.61 15.67
C TYR A 354 -32.33 0.40 15.34
N ALA A 355 -32.78 -0.84 15.52
CA ALA A 355 -34.17 -1.20 15.24
C ALA A 355 -35.08 -0.33 16.10
N ARG A 356 -34.59 0.09 17.26
CA ARG A 356 -35.41 0.92 18.15
C ARG A 356 -35.82 2.21 17.47
N LEU A 357 -35.04 2.68 16.51
CA LEU A 357 -35.38 3.90 15.76
C LEU A 357 -36.70 3.78 15.00
N LEU A 358 -37.09 2.55 14.65
CA LEU A 358 -38.31 2.30 13.88
C LEU A 358 -39.57 2.33 14.76
N GLU A 359 -39.40 2.27 16.08
CA GLU A 359 -40.56 2.25 16.97
C GLU A 359 -41.16 3.65 17.16
N HIS A 360 -40.42 4.69 16.78
CA HIS A 360 -40.91 6.08 16.88
C HIS A 360 -41.19 6.63 15.50
N ASP A 361 -42.13 7.55 15.41
CA ASP A 361 -42.47 8.12 14.11
C ASP A 361 -41.60 9.34 13.79
N ILE A 362 -40.33 9.08 13.47
CA ILE A 362 -39.34 10.15 13.40
C ILE A 362 -38.68 10.27 12.03
N GLY A 363 -39.18 9.51 11.06
CA GLY A 363 -38.78 9.71 9.67
C GLY A 363 -37.55 8.94 9.25
N ILE A 364 -37.23 7.89 10.02
CA ILE A 364 -36.09 7.01 9.76
C ILE A 364 -36.57 5.60 9.43
N SER A 365 -36.26 5.15 8.22
CA SER A 365 -36.53 3.77 7.81
C SER A 365 -35.19 3.05 7.61
N MET A 366 -35.19 1.73 7.60
CA MET A 366 -33.97 1.02 7.39
C MET A 366 -34.18 -0.46 7.19
N GLU A 367 -33.36 -1.00 6.30
CA GLU A 367 -33.25 -2.43 6.12
C GLU A 367 -32.24 -2.93 7.15
N ALA A 368 -32.70 -3.80 8.04
CA ALA A 368 -31.83 -4.30 9.09
C ALA A 368 -30.64 -4.99 8.40
N PRO A 369 -29.45 -4.87 8.97
CA PRO A 369 -28.28 -5.48 8.34
C PRO A 369 -28.29 -7.01 8.41
N GLN A 370 -27.95 -7.68 7.32
CA GLN A 370 -27.81 -9.13 7.36
C GLN A 370 -26.36 -9.54 7.43
N ALA A 371 -25.47 -8.55 7.38
CA ALA A 371 -24.03 -8.80 7.29
C ALA A 371 -23.22 -7.52 7.39
N SER A 372 -21.90 -7.69 7.33
CA SER A 372 -20.96 -6.58 7.46
C SER A 372 -21.23 -5.90 8.81
N MET A 373 -20.84 -4.62 8.95
CA MET A 373 -20.81 -3.90 10.25
C MET A 373 -21.57 -2.57 10.26
N PHE A 374 -22.38 -2.34 9.23
CA PHE A 374 -22.97 -1.02 9.01
C PHE A 374 -24.46 -1.09 8.76
N VAL A 375 -25.13 0.02 8.99
CA VAL A 375 -26.51 0.14 8.64
C VAL A 375 -26.69 1.45 7.90
N MET A 376 -27.65 1.47 6.97
CA MET A 376 -28.00 2.68 6.24
C MET A 376 -29.40 3.14 6.67
N LEU A 377 -29.45 4.36 7.21
CA LEU A 377 -30.68 4.94 7.72
C LEU A 377 -31.23 5.82 6.64
N LYS A 378 -32.47 5.56 6.24
CA LYS A 378 -33.07 6.36 5.19
C LYS A 378 -33.88 7.50 5.79
N LEU A 379 -33.67 8.71 5.29
CA LEU A 379 -34.33 9.89 5.83
C LEU A 379 -35.57 10.29 5.08
N ASN A 380 -36.72 10.36 5.77
CA ASN A 380 -37.89 11.01 5.18
C ASN A 380 -37.80 12.51 5.44
N LEU A 381 -37.31 13.25 4.45
CA LEU A 381 -37.00 14.66 4.60
C LEU A 381 -38.23 15.52 4.76
N SER A 382 -39.36 14.96 4.31
CA SER A 382 -40.63 15.65 4.42
C SER A 382 -41.15 15.65 5.86
N TYR A 383 -40.41 15.03 6.79
CA TYR A 383 -40.82 15.02 8.21
C TYR A 383 -40.27 16.23 8.95
N PHE A 384 -39.31 16.93 8.37
CA PHE A 384 -38.50 17.88 9.11
C PHE A 384 -38.63 19.31 8.60
N GLN A 385 -38.67 20.27 9.54
CA GLN A 385 -38.93 21.66 9.20
C GLN A 385 -37.71 22.34 8.55
N ASP A 386 -36.50 21.97 8.99
CA ASP A 386 -35.27 22.67 8.62
C ASP A 386 -34.13 21.72 8.35
N LEU A 387 -34.42 20.53 7.82
CA LEU A 387 -33.34 19.62 7.44
C LEU A 387 -33.43 19.21 5.96
N LYS A 388 -32.73 19.95 5.08
CA LYS A 388 -32.92 19.79 3.63
C LYS A 388 -32.24 18.55 3.11
N SER A 389 -31.10 18.17 3.70
CA SER A 389 -30.28 17.09 3.16
C SER A 389 -29.71 16.16 4.21
N ASP A 390 -29.30 14.98 3.76
CA ASP A 390 -28.58 14.06 4.62
C ASP A 390 -27.36 14.76 5.24
N MET A 391 -26.76 15.67 4.48
CA MET A 391 -25.59 16.39 4.98
C MET A 391 -25.99 17.31 6.10
N GLU A 392 -27.10 18.01 5.92
CA GLU A 392 -27.54 18.99 6.89
C GLU A 392 -27.95 18.28 8.17
N PHE A 393 -28.50 17.09 8.01
CA PHE A 393 -28.87 16.24 9.15
C PHE A 393 -27.63 15.84 9.95
N TYR A 394 -26.56 15.52 9.22
CA TYR A 394 -25.30 15.07 9.80
C TYR A 394 -24.70 16.22 10.63
N GLU A 395 -24.72 17.43 10.06
CA GLU A 395 -24.11 18.60 10.68
C GLU A 395 -24.83 18.98 11.93
N LYS A 396 -26.15 19.04 11.85
CA LYS A 396 -26.96 19.52 12.95
C LYS A 396 -26.98 18.51 14.10
N LEU A 397 -26.99 17.22 13.73
CA LEU A 397 -26.98 16.17 14.74
C LEU A 397 -25.69 16.26 15.56
N LEU A 398 -24.59 16.47 14.86
CA LEU A 398 -23.27 16.55 15.46
C LEU A 398 -23.15 17.80 16.32
N ASP A 399 -23.66 18.91 15.80
CA ASP A 399 -23.56 20.16 16.49
C ASP A 399 -24.41 20.16 17.74
N GLU A 400 -25.57 19.51 17.70
CA GLU A 400 -26.52 19.57 18.82
C GLU A 400 -26.40 18.43 19.83
N GLU A 401 -25.99 17.25 19.38
CA GLU A 401 -25.98 16.06 20.23
C GLU A 401 -24.62 15.36 20.27
N ASN A 402 -23.64 15.91 19.54
CA ASN A 402 -22.27 15.38 19.53
C ASN A 402 -22.28 13.89 19.20
N VAL A 403 -23.14 13.54 18.24
CA VAL A 403 -23.15 12.20 17.68
C VAL A 403 -22.78 12.34 16.22
N GLN A 404 -21.83 11.54 15.78
CA GLN A 404 -21.34 11.64 14.44
C GLN A 404 -21.79 10.42 13.62
N VAL A 405 -22.51 10.69 12.54
CA VAL A 405 -22.80 9.66 11.56
C VAL A 405 -22.09 10.10 10.27
N LEU A 406 -22.31 9.41 9.16
CA LEU A 406 -21.76 9.82 7.87
C LEU A 406 -22.94 10.00 6.92
N PRO A 407 -22.97 11.12 6.20
CA PRO A 407 -24.01 11.31 5.21
C PRO A 407 -23.80 10.39 4.03
N GLY A 408 -24.87 9.86 3.43
CA GLY A 408 -24.77 8.90 2.34
C GLY A 408 -24.21 9.43 1.05
N GLU A 409 -24.23 10.76 0.93
CA GLU A 409 -23.54 11.49 -0.14
C GLU A 409 -22.12 10.95 -0.35
N ILE A 410 -21.39 10.81 0.75
CA ILE A 410 -20.03 10.29 0.77
C ILE A 410 -19.88 8.99 -0.01
N PHE A 411 -20.94 8.19 -0.01
CA PHE A 411 -20.92 6.86 -0.58
C PHE A 411 -21.64 6.81 -1.91
N GLY A 412 -22.09 7.96 -2.42
CA GLY A 412 -22.77 8.02 -3.70
C GLY A 412 -24.30 7.98 -3.68
N MET A 413 -24.92 8.12 -2.49
CA MET A 413 -26.38 8.16 -2.44
C MET A 413 -26.89 9.02 -1.30
N SER A 414 -27.34 10.21 -1.68
CA SER A 414 -27.92 11.19 -0.81
C SER A 414 -29.21 10.66 -0.22
N GLY A 415 -29.57 11.22 0.93
CA GLY A 415 -30.83 10.93 1.56
C GLY A 415 -30.70 9.83 2.63
N PHE A 416 -29.45 9.44 2.93
CA PHE A 416 -29.21 8.39 3.91
C PHE A 416 -28.15 8.73 4.89
N LEU A 417 -27.99 7.86 5.88
CA LEU A 417 -26.93 7.98 6.87
C LEU A 417 -26.31 6.62 7.14
N ARG A 418 -24.99 6.56 7.17
CA ARG A 418 -24.32 5.34 7.54
C ARG A 418 -24.00 5.38 9.02
N ALA A 419 -24.38 4.32 9.73
CA ALA A 419 -24.10 4.18 11.14
C ALA A 419 -23.48 2.82 11.35
N THR A 420 -22.58 2.80 12.32
CA THR A 420 -21.81 1.61 12.63
C THR A 420 -22.49 0.75 13.67
N VAL A 421 -22.44 -0.56 13.45
CA VAL A 421 -23.09 -1.54 14.33
C VAL A 421 -22.11 -2.25 15.33
N SER A 422 -20.82 -1.99 15.16
CA SER A 422 -19.75 -2.76 15.78
C SER A 422 -19.35 -2.18 17.12
N ARG A 423 -19.95 -1.06 17.50
CA ARG A 423 -19.65 -0.52 18.81
C ARG A 423 -20.44 -1.21 19.95
N PRO A 424 -20.01 -0.98 21.21
CA PRO A 424 -20.73 -1.58 22.34
C PRO A 424 -22.13 -1.02 22.51
N SER A 425 -23.07 -1.87 22.94
CA SER A 425 -24.47 -1.48 23.07
C SER A 425 -24.70 -0.22 23.87
N ALA A 426 -23.89 -0.03 24.91
CA ALA A 426 -24.06 1.13 25.75
C ALA A 426 -23.81 2.38 24.93
N VAL A 427 -22.87 2.33 24.00
CA VAL A 427 -22.61 3.49 23.15
C VAL A 427 -23.79 3.70 22.19
N LEU A 428 -24.21 2.62 21.53
CA LEU A 428 -25.27 2.71 20.55
C LEU A 428 -26.57 3.18 21.19
N ASN A 429 -26.96 2.53 22.29
CA ASN A 429 -28.19 2.87 23.01
C ASN A 429 -28.26 4.33 23.40
N GLU A 430 -27.16 4.85 23.93
CA GLU A 430 -27.10 6.25 24.28
C GLU A 430 -27.21 7.14 23.03
N ALA A 431 -26.63 6.72 21.93
CA ALA A 431 -26.57 7.56 20.75
C ALA A 431 -27.95 7.59 20.06
N VAL A 432 -28.60 6.43 20.01
CA VAL A 432 -29.95 6.32 19.49
C VAL A 432 -30.93 7.18 20.25
N ASP A 433 -30.78 7.27 21.58
CA ASP A 433 -31.67 8.12 22.37
C ASP A 433 -31.55 9.56 21.90
N ARG A 434 -30.32 10.01 21.65
CA ARG A 434 -30.09 11.41 21.25
C ARG A 434 -30.62 11.70 19.85
N ILE A 435 -30.62 10.66 19.02
CA ILE A 435 -31.10 10.76 17.68
C ILE A 435 -32.63 10.87 17.70
N ILE A 436 -33.26 10.09 18.55
CA ILE A 436 -34.70 10.17 18.72
C ILE A 436 -35.10 11.54 19.21
N GLU A 437 -34.49 11.96 20.28
CA GLU A 437 -34.74 13.28 20.81
C GLU A 437 -34.48 14.33 19.73
N PHE A 438 -33.43 14.12 18.96
CA PHE A 438 -33.05 15.10 17.95
C PHE A 438 -34.11 15.23 16.86
N CYS A 439 -34.64 14.09 16.43
CA CYS A 439 -35.65 14.08 15.39
C CYS A 439 -36.95 14.79 15.84
N GLU A 440 -37.43 14.45 17.03
CA GLU A 440 -38.69 15.01 17.54
C GLU A 440 -38.60 16.53 17.59
N ARG A 441 -37.45 17.02 17.99
CA ARG A 441 -37.22 18.43 18.09
C ARG A 441 -37.28 19.15 16.74
N HIS A 442 -36.78 18.53 15.67
CA HIS A 442 -36.74 19.17 14.35
C HIS A 442 -37.96 18.88 13.46
N LYS A 443 -38.84 17.99 13.89
CA LYS A 443 -40.07 17.66 13.15
C LYS A 443 -41.04 18.81 12.88
N LYS A 444 -42.03 18.49 12.05
CA LYS A 444 -43.19 19.35 11.69
C LYS A 444 -42.84 20.24 10.49
N SER B 36 -19.65 -17.72 -26.16
CA SER B 36 -18.24 -17.42 -25.95
C SER B 36 -18.07 -16.15 -25.10
N PHE B 37 -16.82 -15.75 -24.88
CA PHE B 37 -16.54 -14.58 -24.05
C PHE B 37 -15.28 -13.89 -24.54
N ARG B 38 -15.47 -12.62 -24.87
CA ARG B 38 -14.46 -11.74 -25.42
C ARG B 38 -13.19 -11.75 -24.61
N ARG B 39 -12.03 -11.84 -25.27
CA ARG B 39 -10.76 -11.85 -24.54
CA ARG B 39 -10.76 -11.85 -24.55
C ARG B 39 -10.52 -10.52 -23.82
N ILE B 40 -10.07 -10.62 -22.59
CA ILE B 40 -9.83 -9.46 -21.77
C ILE B 40 -8.38 -9.12 -21.73
N ALA B 41 -8.07 -7.91 -22.16
CA ALA B 41 -6.71 -7.48 -22.25
C ALA B 41 -6.39 -6.49 -21.14
N SER B 42 -5.10 -6.27 -20.93
CA SER B 42 -4.66 -5.39 -19.86
C SER B 42 -4.43 -3.98 -20.35
N SER B 43 -4.19 -3.09 -19.42
CA SER B 43 -3.91 -1.71 -19.71
C SER B 43 -2.49 -1.45 -20.25
N LYS B 44 -2.32 -0.28 -20.85
CA LYS B 44 -1.01 0.15 -21.34
C LYS B 44 -0.05 0.27 -20.20
N HIS B 45 -0.54 0.81 -19.09
CA HIS B 45 0.20 0.95 -17.86
C HIS B 45 0.80 -0.39 -17.38
N ALA B 46 -0.02 -1.44 -17.36
CA ALA B 46 0.46 -2.73 -16.91
C ALA B 46 1.47 -3.28 -17.92
N GLN B 47 1.15 -3.21 -19.20
CA GLN B 47 1.99 -3.78 -20.21
C GLN B 47 3.40 -3.26 -20.21
N ARG B 48 3.59 -2.01 -19.83
CA ARG B 48 4.89 -1.43 -19.99
C ARG B 48 5.58 -1.41 -18.64
N THR B 49 5.02 -2.13 -17.67
CA THR B 49 5.64 -2.18 -16.35
C THR B 49 6.57 -3.40 -16.28
N LEU B 50 7.86 -3.14 -16.25
CA LEU B 50 8.87 -4.20 -16.33
C LEU B 50 10.01 -3.98 -15.33
N GLN B 51 10.39 -5.06 -14.64
CA GLN B 51 11.55 -5.05 -13.76
C GLN B 51 12.62 -6.02 -14.31
N PRO B 52 13.72 -5.49 -14.92
CA PRO B 52 14.66 -6.32 -15.70
C PRO B 52 15.40 -7.35 -14.85
N LEU B 53 15.78 -6.93 -13.63
CA LEU B 53 16.38 -7.81 -12.64
C LEU B 53 15.51 -9.05 -12.41
N ASN B 54 14.31 -8.82 -11.88
CA ASN B 54 13.34 -9.88 -11.65
C ASN B 54 13.09 -10.68 -12.95
N ASN B 55 13.03 -10.01 -14.10
CA ASN B 55 12.74 -10.66 -15.39
C ASN B 55 13.83 -11.64 -15.78
N LEU B 56 15.06 -11.32 -15.39
CA LEU B 56 16.25 -12.13 -15.69
C LEU B 56 16.14 -13.51 -15.05
N THR B 57 15.68 -13.51 -13.80
CA THR B 57 15.45 -14.73 -13.04
C THR B 57 14.44 -15.63 -13.74
N ASN B 69 25.34 -24.23 -6.44
CA ASN B 69 24.98 -22.87 -6.82
C ASN B 69 25.39 -21.85 -5.75
N LEU B 70 26.26 -20.91 -6.13
CA LEU B 70 26.68 -19.81 -5.25
C LEU B 70 26.21 -18.44 -5.82
N ARG B 71 25.27 -17.78 -5.12
CA ARG B 71 24.63 -16.55 -5.64
C ARG B 71 25.22 -15.29 -4.99
N LEU B 72 25.97 -14.54 -5.82
CA LEU B 72 26.60 -13.27 -5.43
C LEU B 72 25.77 -12.12 -6.00
N SER B 73 24.55 -12.47 -6.44
CA SER B 73 23.64 -11.58 -7.15
C SER B 73 22.56 -10.98 -6.24
N ILE B 74 22.45 -11.53 -5.03
CA ILE B 74 21.31 -11.25 -4.13
C ILE B 74 21.56 -9.97 -3.35
N GLY B 75 20.57 -9.08 -3.38
CA GLY B 75 20.66 -7.78 -2.73
C GLY B 75 19.87 -7.73 -1.42
N ASP B 76 19.68 -8.91 -0.80
CA ASP B 76 18.88 -9.05 0.44
C ASP B 76 19.79 -9.49 1.61
N PRO B 77 19.93 -8.65 2.65
CA PRO B 77 20.92 -8.99 3.70
C PRO B 77 20.53 -10.17 4.62
N THR B 78 19.34 -10.75 4.43
CA THR B 78 18.83 -11.79 5.32
C THR B 78 19.22 -13.20 4.91
N VAL B 79 19.84 -13.35 3.73
CA VAL B 79 19.94 -14.67 3.10
C VAL B 79 20.61 -15.71 4.01
N ASP B 80 21.70 -15.34 4.64
CA ASP B 80 22.49 -16.34 5.34
C ASP B 80 22.25 -16.27 6.85
N GLY B 81 21.82 -15.11 7.34
CA GLY B 81 21.57 -14.95 8.76
C GLY B 81 22.77 -14.33 9.47
N ASN B 82 23.88 -14.12 8.75
CA ASN B 82 25.08 -13.52 9.34
C ASN B 82 24.80 -12.08 9.83
N LEU B 83 23.90 -11.39 9.16
CA LEU B 83 23.39 -10.10 9.62
C LEU B 83 22.00 -10.31 10.19
N LYS B 84 21.71 -9.53 11.22
CA LYS B 84 20.59 -9.81 12.08
C LYS B 84 19.89 -8.53 12.47
N THR B 85 18.58 -8.61 12.46
CA THR B 85 17.78 -7.54 12.99
C THR B 85 18.07 -7.40 14.50
N PRO B 86 18.20 -6.18 15.00
CA PRO B 86 18.44 -6.04 16.44
C PRO B 86 17.33 -6.71 17.26
N ASP B 87 17.74 -7.27 18.39
CA ASP B 87 16.84 -8.02 19.24
C ASP B 87 15.76 -7.14 19.84
N ILE B 88 16.09 -5.91 20.15
CA ILE B 88 15.09 -5.04 20.76
C ILE B 88 13.97 -4.71 19.79
N VAL B 89 14.28 -4.68 18.49
CA VAL B 89 13.27 -4.39 17.49
C VAL B 89 12.37 -5.60 17.42
N THR B 90 12.98 -6.77 17.38
CA THR B 90 12.26 -8.03 17.34
C THR B 90 11.30 -8.17 18.51
N GLU B 91 11.74 -7.71 19.67
CA GLU B 91 10.95 -7.83 20.89
C GLU B 91 9.94 -6.70 21.03
N ALA B 92 10.23 -5.54 20.46
CA ALA B 92 9.25 -4.49 20.41
C ALA B 92 8.05 -4.95 19.54
N MET B 93 8.34 -5.74 18.50
CA MET B 93 7.29 -6.26 17.63
C MET B 93 6.43 -7.22 18.41
N VAL B 94 7.08 -8.06 19.19
CA VAL B 94 6.37 -9.01 20.04
C VAL B 94 5.42 -8.29 21.00
N ASP B 95 5.92 -7.26 21.70
CA ASP B 95 5.10 -6.47 22.63
C ASP B 95 3.94 -5.78 21.90
N VAL B 96 4.23 -5.20 20.74
CA VAL B 96 3.25 -4.40 20.02
C VAL B 96 2.12 -5.29 19.53
N VAL B 97 2.41 -6.46 19.01
CA VAL B 97 1.34 -7.30 18.51
C VAL B 97 0.58 -7.92 19.66
N ARG B 98 1.26 -8.23 20.77
CA ARG B 98 0.54 -8.80 21.91
C ARG B 98 -0.37 -7.79 22.64
N SER B 99 -0.07 -6.50 22.54
CA SER B 99 -0.91 -5.47 23.16
C SER B 99 -2.31 -5.46 22.55
N GLY B 100 -2.40 -5.71 21.24
CA GLY B 100 -3.70 -5.60 20.57
C GLY B 100 -4.15 -4.15 20.38
N LYS B 101 -3.25 -3.22 20.59
CA LYS B 101 -3.57 -1.80 20.47
C LYS B 101 -3.11 -1.21 19.13
N PHE B 102 -2.45 -2.00 18.27
CA PHE B 102 -1.91 -1.47 17.04
C PHE B 102 -2.32 -2.35 15.85
N ASN B 103 -3.58 -2.78 15.89
CA ASN B 103 -4.18 -3.56 14.81
C ASN B 103 -5.18 -2.75 13.97
N GLY B 104 -5.42 -1.49 14.38
CA GLY B 104 -6.37 -0.61 13.70
C GLY B 104 -5.77 0.16 12.53
N TYR B 105 -6.59 0.90 11.78
CA TYR B 105 -6.08 1.69 10.68
C TYR B 105 -5.13 2.78 11.13
N PRO B 106 -3.92 2.87 10.53
CA PRO B 106 -3.07 4.04 10.75
C PRO B 106 -3.48 5.15 9.79
N PRO B 107 -3.07 6.40 10.08
CA PRO B 107 -3.21 7.47 9.08
C PRO B 107 -2.46 7.07 7.76
N THR B 108 -2.98 7.40 6.59
CA THR B 108 -2.40 6.87 5.36
C THR B 108 -1.01 7.46 5.14
N VAL B 109 -0.72 8.56 5.80
CA VAL B 109 0.58 9.21 5.69
C VAL B 109 1.60 8.63 6.67
N GLY B 110 1.07 7.86 7.62
CA GLY B 110 1.88 7.26 8.68
C GLY B 110 1.43 7.65 10.09
N ALA B 111 1.76 6.78 11.04
CA ALA B 111 1.43 7.08 12.43
C ALA B 111 2.21 8.32 12.86
N ASP B 112 1.55 9.25 13.53
CA ASP B 112 2.23 10.47 14.03
C ASP B 112 3.53 10.18 14.73
N ASN B 113 3.52 9.24 15.67
CA ASN B 113 4.68 9.09 16.52
C ASN B 113 5.84 8.57 15.69
N LEU B 114 5.58 7.70 14.69
CA LEU B 114 6.70 7.24 13.89
C LEU B 114 7.25 8.37 13.03
N ARG B 115 6.37 9.23 12.53
CA ARG B 115 6.87 10.38 11.76
C ARG B 115 7.77 11.26 12.64
N GLN B 116 7.36 11.46 13.89
CA GLN B 116 8.10 12.30 14.81
C GLN B 116 9.45 11.71 15.09
N VAL B 117 9.46 10.41 15.32
CA VAL B 117 10.69 9.70 15.66
C VAL B 117 11.65 9.75 14.48
N VAL B 118 11.14 9.53 13.26
CA VAL B 118 11.97 9.57 12.06
C VAL B 118 12.56 10.97 11.86
N SER B 119 11.76 11.99 12.12
CA SER B 119 12.26 13.35 12.04
C SER B 119 13.41 13.57 13.04
N THR B 120 13.24 13.06 14.25
CA THR B 120 14.25 13.21 15.29
C THR B 120 15.51 12.42 14.92
N TYR B 121 15.30 11.21 14.39
CA TYR B 121 16.37 10.32 13.98
C TYR B 121 17.28 10.90 12.92
N TRP B 122 16.71 11.57 11.91
CA TRP B 122 17.50 12.09 10.79
C TRP B 122 18.29 13.37 11.18
N ARG B 123 17.95 13.98 12.30
CA ARG B 123 18.63 15.18 12.79
C ARG B 123 20.08 14.93 13.12
N ARG B 124 20.39 13.67 13.44
CA ARG B 124 21.77 13.33 13.75
C ARG B 124 22.70 13.43 12.52
N PHE B 125 22.13 13.47 11.33
CA PHE B 125 22.92 13.61 10.09
C PHE B 125 23.18 15.07 9.79
N CYS B 126 22.60 15.92 10.63
CA CYS B 126 22.76 17.35 10.49
C CYS B 126 23.70 17.84 11.56
N GLN B 127 24.73 18.56 11.12
CA GLN B 127 25.80 19.02 11.98
C GLN B 127 25.44 20.34 12.65
N THR B 128 24.23 20.85 12.43
CA THR B 128 23.86 22.21 12.88
C THR B 128 22.42 22.36 13.34
N LYS B 129 22.17 23.31 14.24
CA LYS B 129 20.84 23.50 14.80
C LYS B 129 19.83 23.95 13.73
N SER B 130 20.23 24.88 12.88
CA SER B 130 19.35 25.40 11.85
C SER B 130 18.98 24.33 10.82
N ARG B 131 19.95 23.48 10.51
CA ARG B 131 19.74 22.36 9.61
C ARG B 131 18.81 21.38 10.29
N GLN B 132 19.05 21.16 11.57
CA GLN B 132 18.23 20.24 12.30
C GLN B 132 16.80 20.77 12.38
N GLU B 133 16.64 22.06 12.61
CA GLU B 133 15.29 22.62 12.75
C GLU B 133 14.56 22.56 11.43
N ALA B 134 15.29 22.36 10.33
CA ALA B 134 14.66 22.37 9.02
C ALA B 134 13.97 21.04 8.73
N LEU B 135 14.23 20.03 9.56
CA LEU B 135 13.52 18.75 9.48
C LEU B 135 12.30 18.75 10.38
N LYS B 136 11.11 18.67 9.79
CA LYS B 136 9.87 18.76 10.52
C LYS B 136 9.04 17.54 10.22
N TRP B 137 8.41 17.00 11.27
CA TRP B 137 7.72 15.75 11.13
C TRP B 137 6.58 15.86 10.17
N GLU B 138 6.07 17.08 10.00
CA GLU B 138 4.97 17.32 9.07
C GLU B 138 5.39 16.98 7.65
N ASN B 139 6.69 16.97 7.40
CA ASN B 139 7.16 16.72 6.06
C ASN B 139 7.76 15.32 5.94
N VAL B 140 7.46 14.46 6.92
CA VAL B 140 7.79 13.04 6.84
C VAL B 140 6.56 12.23 6.43
N ILE B 141 6.77 11.30 5.50
CA ILE B 141 5.71 10.38 5.06
C ILE B 141 6.22 8.94 5.20
N ILE B 142 5.41 8.09 5.82
CA ILE B 142 5.81 6.68 5.98
C ILE B 142 5.28 5.89 4.80
N THR B 143 6.13 5.02 4.22
CA THR B 143 5.85 4.35 2.97
C THR B 143 6.05 2.85 3.05
N SER B 144 5.49 2.12 2.08
CA SER B 144 5.55 0.66 2.10
C SER B 144 6.84 0.26 1.44
N GLY B 145 7.90 0.50 2.22
CA GLY B 145 9.25 0.37 1.76
C GLY B 145 9.64 1.65 1.03
N VAL B 146 10.93 1.80 0.77
CA VAL B 146 11.38 2.92 -0.03
C VAL B 146 10.82 2.76 -1.44
N SER B 147 10.57 1.52 -1.87
CA SER B 147 9.98 1.34 -3.20
C SER B 147 8.74 2.17 -3.36
N GLN B 148 7.87 2.20 -2.35
CA GLN B 148 6.68 3.03 -2.48
C GLN B 148 7.04 4.50 -2.42
N ALA B 149 8.04 4.87 -1.62
CA ALA B 149 8.43 6.27 -1.52
C ALA B 149 8.86 6.83 -2.88
N ILE B 150 9.47 5.98 -3.70
CA ILE B 150 9.91 6.33 -5.04
C ILE B 150 8.71 6.55 -5.95
N VAL B 151 7.75 5.63 -5.89
CA VAL B 151 6.49 5.77 -6.61
C VAL B 151 5.80 7.05 -6.25
N LEU B 152 5.67 7.32 -4.95
CA LEU B 152 4.95 8.50 -4.51
C LEU B 152 5.65 9.80 -4.95
N ALA B 153 6.97 9.82 -4.80
CA ALA B 153 7.79 10.97 -5.16
C ALA B 153 7.65 11.29 -6.64
N LEU B 154 7.83 10.27 -7.46
CA LEU B 154 7.83 10.49 -8.88
C LEU B 154 6.43 10.75 -9.40
N THR B 155 5.43 9.99 -8.97
CA THR B 155 4.09 10.15 -9.57
C THR B 155 3.31 11.32 -8.98
N ALA B 156 3.76 11.91 -7.88
CA ALA B 156 3.12 13.11 -7.38
C ALA B 156 3.72 14.33 -8.04
N LEU B 157 4.87 14.14 -8.71
CA LEU B 157 5.63 15.23 -9.29
C LEU B 157 5.47 15.37 -10.81
N CYS B 158 5.54 14.25 -11.52
CA CYS B 158 5.64 14.23 -12.95
C CYS B 158 4.37 13.81 -13.63
N ASN B 159 4.17 14.32 -14.84
CA ASN B 159 3.17 13.79 -15.72
C ASN B 159 3.82 12.98 -16.79
N GLU B 160 3.01 12.19 -17.47
CA GLU B 160 3.49 11.42 -18.60
C GLU B 160 4.04 12.39 -19.65
N GLY B 161 5.25 12.14 -20.13
CA GLY B 161 5.92 13.02 -21.08
C GLY B 161 7.04 13.81 -20.40
N ASP B 162 7.06 13.81 -19.06
CA ASP B 162 8.14 14.45 -18.33
C ASP B 162 9.40 13.58 -18.31
N ASN B 163 10.51 14.15 -17.85
CA ASN B 163 11.71 13.35 -17.62
C ASN B 163 12.33 13.70 -16.28
N ILE B 164 13.11 12.79 -15.73
CA ILE B 164 13.93 13.10 -14.59
C ILE B 164 15.34 12.64 -14.92
N LEU B 165 16.32 13.27 -14.27
CA LEU B 165 17.71 12.85 -14.45
C LEU B 165 18.13 11.88 -13.36
N VAL B 166 18.56 10.70 -13.78
CA VAL B 166 18.89 9.64 -12.83
C VAL B 166 20.31 9.11 -13.13
N CYS B 167 21.09 8.88 -12.08
CA CYS B 167 22.45 8.32 -12.21
C CYS B 167 22.44 6.96 -12.93
N ALA B 168 23.57 6.65 -13.56
CA ALA B 168 23.81 5.33 -14.17
C ALA B 168 25.25 4.88 -13.89
N PRO B 169 25.44 3.66 -13.36
CA PRO B 169 24.40 2.65 -13.07
C PRO B 169 23.61 2.97 -11.80
N SER B 170 22.45 2.35 -11.67
CA SER B 170 21.52 2.73 -10.61
C SER B 170 20.65 1.58 -10.19
N PHE B 171 20.19 1.67 -8.96
CA PHE B 171 19.12 0.83 -8.48
C PHE B 171 17.96 0.90 -9.49
N PRO B 172 17.55 -0.24 -10.06
CA PRO B 172 16.67 -0.23 -11.23
C PRO B 172 15.24 0.28 -10.94
N HIS B 173 14.88 0.50 -9.69
CA HIS B 173 13.50 0.75 -9.42
C HIS B 173 13.09 2.09 -10.05
N TYR B 174 14.01 3.05 -10.09
CA TYR B 174 13.68 4.35 -10.67
C TYR B 174 13.33 4.18 -12.13
N LYS B 175 14.10 3.38 -12.86
CA LYS B 175 13.81 3.17 -14.26
C LYS B 175 12.46 2.45 -14.40
N SER B 176 12.21 1.45 -13.57
CA SER B 176 10.96 0.70 -13.67
C SER B 176 9.75 1.55 -13.42
N VAL B 177 9.85 2.43 -12.44
CA VAL B 177 8.71 3.25 -12.09
C VAL B 177 8.45 4.24 -13.19
N CYS B 178 9.52 4.82 -13.70
CA CYS B 178 9.45 5.76 -14.80
C CYS B 178 8.77 5.13 -16.03
N ASP B 179 9.19 3.95 -16.47
CA ASP B 179 8.59 3.32 -17.65
C ASP B 179 7.12 2.98 -17.38
N SER B 180 6.82 2.59 -16.16
CA SER B 180 5.47 2.17 -15.81
C SER B 180 4.52 3.34 -16.01
N TYR B 181 4.96 4.54 -15.66
CA TYR B 181 4.09 5.72 -15.68
C TYR B 181 4.38 6.64 -16.85
N GLY B 182 5.22 6.23 -17.78
CA GLY B 182 5.46 7.01 -18.98
C GLY B 182 6.30 8.25 -18.75
N ILE B 183 7.10 8.19 -17.69
CA ILE B 183 8.10 9.19 -17.39
C ILE B 183 9.41 8.72 -17.99
N GLU B 184 10.20 9.63 -18.54
CA GLU B 184 11.48 9.23 -19.08
C GLU B 184 12.57 9.20 -18.03
N CYS B 185 13.24 8.06 -17.92
CA CYS B 185 14.44 7.94 -17.11
C CYS B 185 15.64 8.34 -18.00
N ARG B 186 16.09 9.56 -17.80
CA ARG B 186 17.15 10.15 -18.61
C ARG B 186 18.44 10.02 -17.79
N TYR B 187 19.25 9.05 -18.15
CA TYR B 187 20.47 8.75 -17.44
C TYR B 187 21.57 9.81 -17.62
N TYR B 188 22.16 10.25 -16.51
CA TYR B 188 23.47 10.89 -16.54
C TYR B 188 24.42 9.87 -16.01
N TYR B 189 25.68 9.91 -16.40
CA TYR B 189 26.58 8.83 -16.08
C TYR B 189 27.54 9.15 -14.93
N LEU B 190 27.84 8.11 -14.18
CA LEU B 190 28.73 8.18 -13.04
C LEU B 190 30.11 7.86 -13.57
N ASP B 191 31.12 8.53 -13.03
CA ASP B 191 32.50 8.41 -13.51
C ASP B 191 33.25 7.45 -12.58
N PRO B 192 33.46 6.19 -13.00
CA PRO B 192 34.14 5.21 -12.14
C PRO B 192 35.60 5.53 -11.80
N SER B 193 36.20 6.48 -12.52
CA SER B 193 37.61 6.82 -12.33
C SER B 193 37.74 8.09 -11.50
N LYS B 194 36.58 8.67 -11.20
CA LYS B 194 36.48 9.82 -10.30
C LYS B 194 35.54 9.42 -9.16
N SER B 195 35.70 8.17 -8.70
CA SER B 195 35.02 7.62 -7.52
C SER B 195 33.50 7.60 -7.73
N TRP B 196 33.11 7.28 -8.95
CA TRP B 196 31.71 7.12 -9.29
C TRP B 196 30.93 8.41 -9.02
N GLU B 197 31.59 9.56 -9.17
CA GLU B 197 30.89 10.84 -9.04
C GLU B 197 30.00 11.12 -10.28
N CYS B 198 28.96 11.92 -10.07
CA CYS B 198 28.04 12.31 -11.13
C CYS B 198 28.73 13.23 -12.15
N ASP B 199 28.56 12.93 -13.44
CA ASP B 199 29.06 13.83 -14.48
C ASP B 199 28.14 15.03 -14.63
N LEU B 200 28.38 16.05 -13.80
CA LEU B 200 27.54 17.23 -13.78
C LEU B 200 27.71 18.09 -15.04
N ARG B 201 28.84 17.95 -15.72
CA ARG B 201 29.07 18.71 -16.95
C ARG B 201 28.13 18.17 -18.03
N ALA B 202 28.08 16.85 -18.13
CA ALA B 202 27.24 16.18 -19.08
C ALA B 202 25.76 16.35 -18.79
N ALA B 203 25.40 16.26 -17.51
CA ALA B 203 23.98 16.30 -17.10
C ALA B 203 23.35 17.62 -17.50
N ALA B 204 24.15 18.69 -17.45
CA ALA B 204 23.63 20.01 -17.76
C ALA B 204 23.01 20.01 -19.14
N GLY B 205 23.58 19.23 -20.06
CA GLY B 205 23.09 19.20 -21.42
C GLY B 205 21.82 18.39 -21.57
N MET B 206 21.44 17.65 -20.53
CA MET B 206 20.25 16.79 -20.58
C MET B 206 18.99 17.49 -20.02
N VAL B 207 19.19 18.63 -19.39
CA VAL B 207 18.09 19.35 -18.76
C VAL B 207 17.30 20.14 -19.78
N ASP B 208 15.99 19.94 -19.77
CA ASP B 208 15.10 20.76 -20.58
C ASP B 208 13.87 21.15 -19.77
N SER B 209 12.89 21.74 -20.47
CA SER B 209 11.67 22.22 -19.87
C SER B 209 10.78 21.13 -19.30
N HIS B 210 11.02 19.88 -19.69
CA HIS B 210 10.21 18.77 -19.18
C HIS B 210 10.95 18.05 -18.04
N THR B 211 12.12 18.56 -17.66
CA THR B 211 12.91 17.94 -16.59
C THR B 211 12.45 18.42 -15.23
N LYS B 212 12.07 17.44 -14.39
CA LYS B 212 11.34 17.70 -13.13
C LYS B 212 12.12 17.35 -11.89
N ALA B 213 13.19 16.59 -12.04
CA ALA B 213 13.93 16.21 -10.86
C ALA B 213 15.29 15.67 -11.21
N PHE B 214 16.16 15.68 -10.20
CA PHE B 214 17.48 15.10 -10.24
C PHE B 214 17.59 14.06 -9.12
N VAL B 215 17.89 12.82 -9.50
CA VAL B 215 17.98 11.72 -8.55
C VAL B 215 19.40 11.21 -8.34
N ILE B 216 19.79 11.15 -7.07
CA ILE B 216 21.01 10.48 -6.67
C ILE B 216 20.74 9.36 -5.68
N ILE B 217 21.66 8.39 -5.71
CA ILE B 217 21.69 7.33 -4.73
C ILE B 217 23.01 7.43 -4.00
N ASN B 218 22.94 7.69 -2.69
CA ASN B 218 24.15 7.92 -1.92
C ASN B 218 23.96 7.58 -0.43
N PRO B 219 24.64 6.54 0.08
CA PRO B 219 25.58 5.64 -0.60
C PRO B 219 24.92 4.87 -1.70
N SER B 220 25.71 4.29 -2.60
CA SER B 220 25.16 3.73 -3.83
C SER B 220 25.07 2.20 -3.88
N ASN B 221 23.86 1.74 -4.24
CA ASN B 221 23.63 0.46 -4.89
C ASN B 221 23.49 0.89 -6.36
N PRO B 222 24.34 0.36 -7.27
CA PRO B 222 25.26 -0.77 -7.12
C PRO B 222 26.74 -0.45 -6.89
N CYS B 223 27.13 0.82 -6.78
CA CYS B 223 28.56 1.17 -6.94
C CYS B 223 29.40 1.10 -5.67
N GLY B 224 28.78 1.10 -4.49
CA GLY B 224 29.56 1.02 -3.27
C GLY B 224 30.23 2.36 -2.95
N SER B 225 29.84 3.40 -3.68
CA SER B 225 30.43 4.72 -3.54
C SER B 225 29.87 5.45 -2.34
N ASN B 226 30.69 6.34 -1.79
CA ASN B 226 30.24 7.26 -0.76
C ASN B 226 30.74 8.66 -1.07
N PHE B 227 29.82 9.52 -1.49
CA PHE B 227 30.19 10.84 -1.97
C PHE B 227 30.85 11.71 -0.89
N SER B 228 31.84 12.47 -1.33
CA SER B 228 32.46 13.52 -0.53
C SER B 228 31.47 14.66 -0.28
N ARG B 229 31.71 15.46 0.77
CA ARG B 229 30.86 16.61 1.05
C ARG B 229 30.85 17.62 -0.10
N ALA B 230 32.01 17.86 -0.72
CA ALA B 230 32.10 18.90 -1.75
C ALA B 230 31.28 18.50 -2.98
N HIS B 231 31.31 17.21 -3.28
CA HIS B 231 30.61 16.70 -4.42
C HIS B 231 29.08 16.82 -4.22
N VAL B 232 28.61 16.57 -3.01
CA VAL B 232 27.20 16.72 -2.72
C VAL B 232 26.81 18.19 -2.83
N SER B 233 27.72 19.07 -2.42
CA SER B 233 27.50 20.51 -2.52
C SER B 233 27.34 20.91 -3.98
N ASP B 234 28.09 20.26 -4.86
CA ASP B 234 28.04 20.60 -6.28
C ASP B 234 26.69 20.21 -6.86
N ILE B 235 26.22 19.05 -6.43
CA ILE B 235 24.94 18.56 -6.86
C ILE B 235 23.85 19.55 -6.50
N ILE B 236 23.92 20.05 -5.29
CA ILE B 236 22.92 21.00 -4.83
C ILE B 236 22.94 22.27 -5.66
N ASP B 237 24.15 22.75 -5.95
CA ASP B 237 24.34 23.95 -6.78
C ASP B 237 23.82 23.69 -8.19
N PHE B 238 24.10 22.50 -8.69
CA PHE B 238 23.57 22.09 -9.98
C PHE B 238 22.04 22.21 -9.98
N CYS B 239 21.41 21.72 -8.92
CA CYS B 239 19.95 21.75 -8.81
C CYS B 239 19.44 23.16 -8.66
N GLN B 240 20.21 24.00 -7.99
CA GLN B 240 19.88 25.42 -7.85
C GLN B 240 19.95 26.13 -9.20
N GLN B 241 21.05 25.92 -9.93
CA GLN B 241 21.26 26.58 -11.22
C GLN B 241 20.10 26.25 -12.14
N HIS B 242 19.70 24.97 -12.18
CA HIS B 242 18.66 24.51 -13.10
C HIS B 242 17.27 24.51 -12.47
N GLN B 243 17.18 24.89 -11.20
CA GLN B 243 15.89 25.03 -10.51
C GLN B 243 15.00 23.78 -10.55
N ILE B 244 15.58 22.64 -10.20
CA ILE B 244 14.84 21.39 -10.09
C ILE B 244 15.13 20.77 -8.72
N PRO B 245 14.15 20.03 -8.17
CA PRO B 245 14.33 19.38 -6.87
C PRO B 245 15.30 18.23 -6.93
N LEU B 246 15.90 17.95 -5.78
CA LEU B 246 16.84 16.87 -5.61
C LEU B 246 16.25 15.77 -4.78
N ILE B 247 16.27 14.58 -5.36
CA ILE B 247 15.81 13.38 -4.69
C ILE B 247 17.03 12.57 -4.36
N SER B 248 17.17 12.22 -3.09
CA SER B 248 18.38 11.55 -2.62
C SER B 248 18.02 10.27 -1.91
N ASP B 249 18.39 9.15 -2.51
CA ASP B 249 18.09 7.85 -1.94
C ASP B 249 19.15 7.50 -0.95
N GLU B 250 18.89 7.74 0.33
CA GLU B 250 19.93 7.64 1.35
C GLU B 250 19.65 6.49 2.31
N ILE B 251 19.22 5.37 1.74
CA ILE B 251 18.85 4.21 2.53
C ILE B 251 20.05 3.48 3.17
N TYR B 252 21.26 3.65 2.62
CA TYR B 252 22.49 3.03 3.20
C TYR B 252 23.26 3.98 4.11
N ALA B 253 22.59 5.02 4.60
CA ALA B 253 23.21 6.08 5.38
C ALA B 253 24.03 5.54 6.57
N GLU B 254 23.59 4.45 7.17
CA GLU B 254 24.21 3.91 8.35
C GLU B 254 25.30 2.93 7.96
N MET B 255 25.40 2.63 6.67
CA MET B 255 26.23 1.51 6.25
C MET B 255 27.47 1.98 5.49
N VAL B 256 28.07 3.05 6.00
CA VAL B 256 29.36 3.49 5.49
C VAL B 256 30.48 2.66 6.08
N LEU B 257 31.52 2.42 5.28
CA LEU B 257 32.70 1.64 5.71
C LEU B 257 33.94 2.48 6.02
N ASN B 258 34.91 1.84 6.68
CA ASN B 258 36.26 2.38 6.86
C ASN B 258 36.25 3.75 7.53
N ASN B 259 35.39 3.92 8.55
CA ASN B 259 35.28 5.15 9.31
C ASN B 259 34.91 6.35 8.43
N GLY B 260 34.39 6.08 7.24
CA GLY B 260 34.02 7.13 6.29
C GLY B 260 32.97 8.08 6.84
N ILE B 261 32.91 9.27 6.25
CA ILE B 261 31.91 10.27 6.64
C ILE B 261 30.76 10.29 5.64
N PHE B 262 29.56 10.17 6.16
CA PHE B 262 28.35 10.23 5.35
C PHE B 262 27.85 11.68 5.26
N THR B 263 27.57 12.15 4.05
CA THR B 263 27.02 13.49 3.88
C THR B 263 25.60 13.43 3.26
N SER B 264 24.59 13.69 4.09
CA SER B 264 23.21 13.73 3.64
C SER B 264 22.91 15.11 3.07
N VAL B 265 22.02 15.18 2.06
CA VAL B 265 21.66 16.45 1.45
C VAL B 265 20.98 17.35 2.46
N ALA B 266 20.59 16.76 3.60
CA ALA B 266 20.02 17.47 4.73
C ALA B 266 21.04 18.38 5.42
N ASP B 267 22.32 18.02 5.37
CA ASP B 267 23.34 18.72 6.14
C ASP B 267 23.87 19.94 5.38
N PHE B 268 22.96 20.77 4.89
CA PHE B 268 23.35 21.95 4.13
C PHE B 268 22.38 23.08 4.37
N ASP B 269 22.89 24.31 4.22
CA ASP B 269 22.05 25.48 4.35
C ASP B 269 21.69 26.00 2.98
N THR B 270 20.50 25.59 2.54
CA THR B 270 20.08 25.85 1.18
C THR B 270 18.56 25.84 1.11
N ASN B 271 18.02 26.53 0.10
CA ASN B 271 16.59 26.57 -0.11
C ASN B 271 16.19 25.61 -1.23
N VAL B 272 17.16 24.90 -1.77
CA VAL B 272 16.90 23.85 -2.75
C VAL B 272 16.05 22.76 -2.12
N PRO B 273 14.84 22.51 -2.66
CA PRO B 273 14.04 21.45 -2.06
C PRO B 273 14.66 20.10 -2.30
N ARG B 274 14.69 19.32 -1.22
CA ARG B 274 15.29 18.02 -1.26
C ARG B 274 14.29 17.01 -0.72
N LEU B 275 14.16 15.88 -1.42
CA LEU B 275 13.36 14.77 -0.91
C LEU B 275 14.29 13.60 -0.62
N ILE B 276 14.38 13.27 0.67
CA ILE B 276 15.28 12.23 1.15
C ILE B 276 14.49 10.96 1.35
N LEU B 277 14.98 9.86 0.78
CA LEU B 277 14.32 8.57 0.94
C LEU B 277 15.21 7.69 1.78
N GLY B 278 14.64 7.01 2.77
CA GLY B 278 15.42 6.13 3.63
C GLY B 278 14.56 5.15 4.43
N GLY B 279 15.18 4.38 5.34
CA GLY B 279 14.46 3.41 6.15
C GLY B 279 15.37 2.46 6.90
N THR B 280 14.81 1.36 7.38
CA THR B 280 15.52 0.41 8.19
C THR B 280 15.71 -0.90 7.45
N ALA B 281 15.15 -1.04 6.25
CA ALA B 281 15.15 -2.33 5.56
C ALA B 281 16.57 -2.98 5.44
N1 LLP B 282 16.94 2.25 -2.61
C2 LLP B 282 18.09 1.57 -2.81
C2' LLP B 282 19.28 2.27 -3.40
C3 LLP B 282 18.15 0.14 -2.41
O3 LLP B 282 19.28 -0.57 -2.59
C4 LLP B 282 16.94 -0.49 -1.84
C4' LLP B 282 17.05 -1.95 -1.47
C5 LLP B 282 15.74 0.38 -1.72
C6 LLP B 282 15.83 1.71 -2.12
C5' LLP B 282 14.35 0.08 -1.14
OP4 LLP B 282 14.02 -1.22 -0.76
P LLP B 282 12.63 -1.41 0.04
OP1 LLP B 282 11.67 -0.89 -1.04
OP2 LLP B 282 12.75 -2.89 0.28
OP3 LLP B 282 12.64 -0.65 1.36
N LLP B 282 17.60 -2.21 5.11
CA LLP B 282 18.89 -2.80 4.83
CB LLP B 282 19.61 -1.99 3.75
CG LLP B 282 18.82 -1.94 2.44
CD LLP B 282 18.87 -3.26 1.68
CE LLP B 282 17.96 -3.34 0.44
NZ LLP B 282 17.79 -2.07 -0.24
C LLP B 282 19.72 -2.87 6.08
O LLP B 282 20.25 -3.94 6.40
H2 LLP B 282 16.94 -2.03 4.37
H2'1 LLP B 282 19.85 2.71 -2.63
H2'2 LLP B 282 19.87 1.58 -3.94
H2'3 LLP B 282 18.94 3.03 -4.07
HO3 LLP B 282 19.28 -0.97 -3.47
H4'1 LLP B 282 16.05 -2.37 -1.34
H6 LLP B 282 14.96 2.35 -2.00
H5'1 LLP B 282 13.61 0.41 -1.87
H5'2 LLP B 282 14.22 0.72 -0.27
H LLP B 282 17.35 -1.98 6.07
HA LLP B 282 18.76 -3.83 4.44
HB2 LLP B 282 20.59 -2.42 3.56
HB3 LLP B 282 19.76 -0.97 4.11
HG2 LLP B 282 17.78 -1.69 2.64
HG3 LLP B 282 19.23 -1.16 1.79
HD2 LLP B 282 18.59 -4.07 2.36
HD3 LLP B 282 19.90 -3.46 1.36
HE2 LLP B 282 18.37 -4.07 -0.26
HE3 LLP B 282 16.98 -3.69 0.75
H4'2 LLP B 282 17.55 -2.50 -2.27
HZ1 LLP B 282 18.22 -1.23 0.15
N TYR B 283 19.81 -1.78 6.82
CA TYR B 283 20.69 -1.77 7.96
C TYR B 283 20.08 -2.42 9.19
N GLN B 284 18.77 -2.65 9.22
CA GLN B 284 18.19 -3.48 10.29
C GLN B 284 17.70 -4.77 9.71
N VAL B 285 18.13 -5.03 8.46
CA VAL B 285 18.06 -6.37 7.88
C VAL B 285 16.63 -6.91 7.92
N CYS B 286 15.68 -6.11 7.46
CA CYS B 286 14.25 -6.47 7.51
C CYS B 286 13.50 -5.85 6.33
N PRO B 287 13.97 -6.12 5.10
CA PRO B 287 13.29 -5.55 3.94
C PRO B 287 11.85 -6.04 3.78
N GLY B 288 11.56 -7.28 4.17
CA GLY B 288 10.25 -7.83 3.96
C GLY B 288 9.17 -7.17 4.81
N TRP B 289 9.57 -6.36 5.79
CA TRP B 289 8.59 -5.70 6.66
C TRP B 289 7.86 -4.58 5.91
N ARG B 290 8.44 -4.10 4.82
CA ARG B 290 7.84 -3.07 3.97
C ARG B 290 7.55 -1.77 4.70
N VAL B 291 8.59 -1.21 5.29
CA VAL B 291 8.53 0.09 5.91
C VAL B 291 9.73 0.90 5.44
N GLY B 292 9.45 2.16 5.15
CA GLY B 292 10.45 3.15 4.79
C GLY B 292 9.82 4.52 4.93
N TRP B 293 10.51 5.55 4.44
CA TRP B 293 9.97 6.91 4.52
C TRP B 293 10.58 7.90 3.53
N SER B 294 9.93 9.05 3.39
CA SER B 294 10.46 10.15 2.60
C SER B 294 10.41 11.39 3.48
N ILE B 295 11.41 12.24 3.35
CA ILE B 295 11.48 13.46 4.11
C ILE B 295 11.74 14.64 3.21
N LEU B 296 10.81 15.59 3.22
CA LEU B 296 10.97 16.79 2.40
C LEU B 296 11.58 17.94 3.20
N ILE B 297 12.64 18.54 2.66
CA ILE B 297 13.26 19.73 3.26
C ILE B 297 13.14 20.87 2.24
N ASP B 298 12.32 21.86 2.58
CA ASP B 298 11.93 22.92 1.67
C ASP B 298 11.71 24.18 2.51
N PRO B 299 12.82 24.86 2.86
CA PRO B 299 12.77 26.01 3.78
C PRO B 299 11.98 27.19 3.26
N MET B 300 12.03 27.48 1.96
CA MET B 300 11.30 28.63 1.44
C MET B 300 9.95 28.22 0.95
N ASN B 301 9.55 27.00 1.29
CA ASN B 301 8.26 26.45 0.90
C ASN B 301 7.92 26.66 -0.59
N VAL B 302 8.76 26.14 -1.49
CA VAL B 302 8.48 26.22 -2.92
C VAL B 302 7.92 24.89 -3.45
N ALA B 303 7.82 23.89 -2.56
CA ALA B 303 7.44 22.55 -3.01
C ALA B 303 6.29 22.00 -2.21
N GLY B 304 5.49 22.87 -1.62
CA GLY B 304 4.33 22.43 -0.87
C GLY B 304 3.35 21.57 -1.67
N ASP B 305 3.10 21.88 -2.94
CA ASP B 305 2.13 21.09 -3.70
C ASP B 305 2.62 19.68 -3.92
N TRP B 306 3.94 19.52 -4.01
CA TRP B 306 4.52 18.21 -4.19
C TRP B 306 4.18 17.36 -2.96
N ALA B 307 4.35 17.98 -1.80
CA ALA B 307 4.13 17.32 -0.53
C ALA B 307 2.67 16.90 -0.41
N VAL B 308 1.76 17.83 -0.70
CA VAL B 308 0.34 17.51 -0.72
C VAL B 308 0.00 16.39 -1.69
N GLY B 309 0.58 16.43 -2.88
CA GLY B 309 0.35 15.40 -3.89
C GLY B 309 0.79 14.06 -3.37
N MET B 310 1.97 14.01 -2.76
CA MET B 310 2.40 12.75 -2.18
C MET B 310 1.45 12.27 -1.08
N GLU B 311 0.99 13.18 -0.22
CA GLU B 311 0.05 12.83 0.82
C GLU B 311 -1.22 12.25 0.25
N ARG B 312 -1.78 12.93 -0.74
CA ARG B 312 -2.99 12.43 -1.37
C ARG B 312 -2.79 11.04 -1.95
N LEU B 313 -1.63 10.77 -2.55
CA LEU B 313 -1.42 9.50 -3.20
C LEU B 313 -1.19 8.34 -2.20
N THR B 314 -0.92 8.62 -0.92
CA THR B 314 -0.85 7.52 0.05
C THR B 314 -2.23 6.87 0.26
N GLN B 315 -3.28 7.56 -0.17
CA GLN B 315 -4.64 7.07 0.04
C GLN B 315 -4.94 5.84 -0.77
N LEU B 316 -4.18 5.63 -1.84
CA LEU B 316 -4.57 4.60 -2.76
C LEU B 316 -4.40 3.18 -2.19
N ILE B 317 -3.30 2.90 -1.50
CA ILE B 317 -3.17 1.61 -0.85
C ILE B 317 -3.47 1.74 0.65
N ALA B 318 -3.63 2.98 1.12
CA ALA B 318 -4.09 3.31 2.48
C ALA B 318 -3.10 2.93 3.57
N GLY B 319 -1.81 3.07 3.31
CA GLY B 319 -0.80 3.13 4.37
C GLY B 319 0.04 1.89 4.61
N VAL B 320 0.62 1.79 5.80
CA VAL B 320 1.70 0.89 6.11
C VAL B 320 1.45 0.03 7.35
N ASN B 321 1.95 -1.20 7.34
CA ASN B 321 1.79 -2.16 8.45
C ASN B 321 1.90 -1.53 9.85
N SER B 322 0.82 -1.55 10.60
CA SER B 322 0.74 -0.81 11.84
C SER B 322 1.64 -1.39 12.97
N ILE B 323 1.85 -2.70 12.96
CA ILE B 323 2.72 -3.35 13.97
C ILE B 323 4.17 -2.85 13.81
N CYS B 324 4.65 -2.85 12.57
CA CYS B 324 6.00 -2.43 12.32
C CYS B 324 6.17 -0.95 12.58
N GLN B 325 5.14 -0.15 12.29
CA GLN B 325 5.31 1.28 12.49
C GLN B 325 5.54 1.58 13.97
N GLU B 326 4.77 0.95 14.85
CA GLU B 326 4.95 1.21 16.27
C GLU B 326 6.26 0.62 16.79
N ALA B 327 6.59 -0.60 16.36
CA ALA B 327 7.84 -1.25 16.79
C ALA B 327 9.06 -0.43 16.42
N ILE B 328 9.02 0.22 15.27
CA ILE B 328 10.15 1.02 14.84
C ILE B 328 10.12 2.36 15.54
N ALA B 329 8.92 2.86 15.83
CA ALA B 329 8.82 4.11 16.59
C ALA B 329 9.41 3.93 18.00
N ARG B 330 9.37 2.72 18.53
CA ARG B 330 9.87 2.46 19.89
C ARG B 330 11.36 2.23 19.96
N THR B 331 11.98 1.87 18.85
CA THR B 331 13.33 1.36 18.89
C THR B 331 14.32 2.08 18.00
N LEU B 332 13.83 2.85 17.04
CA LEU B 332 14.68 3.48 16.04
C LEU B 332 15.79 4.35 16.68
N LEU B 333 15.45 5.06 17.75
CA LEU B 333 16.38 5.94 18.44
C LEU B 333 17.22 5.17 19.48
N LYS B 334 16.82 3.95 19.80
CA LYS B 334 17.43 3.20 20.90
C LYS B 334 18.40 2.15 20.34
N CYS B 335 18.49 1.99 19.03
CA CYS B 335 19.43 1.01 18.50
C CYS B 335 20.85 1.52 18.66
N PRO B 336 21.70 0.74 19.34
CA PRO B 336 23.02 1.27 19.66
C PRO B 336 23.97 1.18 18.48
N THR B 337 24.97 2.06 18.50
CA THR B 337 25.99 2.14 17.47
C THR B 337 26.60 0.77 17.19
N GLU B 338 26.64 -0.07 18.22
CA GLU B 338 27.27 -1.40 18.13
C GLU B 338 26.60 -2.29 17.09
N CYS B 339 25.28 -2.18 16.97
CA CYS B 339 24.52 -3.01 16.02
C CYS B 339 24.86 -2.64 14.59
N THR B 340 25.02 -1.35 14.35
CA THR B 340 25.36 -0.87 13.03
C THR B 340 26.84 -1.21 12.84
N GLU B 341 27.63 -1.09 13.91
CA GLU B 341 29.08 -1.34 13.81
C GLU B 341 29.44 -2.82 13.52
N HIS B 342 28.62 -3.77 14.00
CA HIS B 342 28.86 -5.19 13.66
C HIS B 342 28.70 -5.44 12.16
N ILE B 343 27.66 -4.86 11.54
CA ILE B 343 27.36 -5.09 10.13
C ILE B 343 28.45 -4.48 9.27
N VAL B 344 28.87 -3.26 9.60
CA VAL B 344 29.89 -2.55 8.83
C VAL B 344 31.18 -3.38 8.80
N THR B 345 31.58 -3.94 9.95
CA THR B 345 32.76 -4.81 10.07
C THR B 345 32.61 -6.07 9.19
N GLN B 346 31.40 -6.64 9.17
CA GLN B 346 31.10 -7.83 8.36
C GLN B 346 31.24 -7.49 6.85
N LEU B 347 30.92 -6.24 6.50
CA LEU B 347 31.01 -5.77 5.10
C LEU B 347 32.46 -5.52 4.70
N GLU B 348 33.23 -4.95 5.64
CA GLU B 348 34.66 -4.69 5.45
C GLU B 348 35.36 -6.00 5.13
N ALA B 349 34.88 -7.10 5.70
CA ALA B 349 35.44 -8.41 5.40
C ALA B 349 35.20 -8.81 3.94
N GLY B 350 33.98 -8.62 3.45
CA GLY B 350 33.67 -8.96 2.07
C GLY B 350 34.48 -8.12 1.09
N ALA B 351 34.84 -6.89 1.48
CA ALA B 351 35.63 -6.00 0.63
C ALA B 351 37.02 -6.56 0.46
N LYS B 352 37.55 -7.10 1.55
CA LYS B 352 38.86 -7.72 1.54
C LYS B 352 38.88 -8.93 0.62
N VAL B 353 37.80 -9.72 0.60
CA VAL B 353 37.77 -10.95 -0.21
C VAL B 353 37.78 -10.65 -1.71
N TYR B 354 37.10 -9.58 -2.12
CA TYR B 354 37.02 -9.23 -3.53
C TYR B 354 38.37 -8.68 -4.07
N ALA B 355 39.14 -8.08 -3.17
CA ALA B 355 40.43 -7.48 -3.53
C ALA B 355 41.42 -8.51 -4.06
N ARG B 356 41.27 -9.76 -3.62
CA ARG B 356 42.15 -10.82 -4.05
C ARG B 356 42.10 -11.00 -5.58
N LEU B 357 40.99 -10.62 -6.19
CA LEU B 357 40.81 -10.72 -7.64
C LEU B 357 41.77 -9.78 -8.39
N LEU B 358 42.18 -8.72 -7.71
CA LEU B 358 43.10 -7.74 -8.25
C LEU B 358 44.56 -8.19 -8.01
N ILE B 364 40.08 -8.17 -14.75
CA ILE B 364 39.06 -7.64 -13.86
C ILE B 364 39.64 -6.56 -12.96
N SER B 365 39.10 -5.35 -13.08
CA SER B 365 39.40 -4.23 -12.20
C SER B 365 38.18 -3.89 -11.35
N MET B 366 38.36 -3.02 -10.36
CA MET B 366 37.26 -2.57 -9.50
C MET B 366 37.62 -1.36 -8.63
N GLU B 367 36.64 -0.48 -8.42
CA GLU B 367 36.75 0.55 -7.40
C GLU B 367 36.24 -0.03 -6.08
N ALA B 368 37.12 -0.10 -5.08
CA ALA B 368 36.77 -0.72 -3.80
C ALA B 368 35.58 -0.01 -3.13
N PRO B 369 34.69 -0.79 -2.48
CA PRO B 369 33.50 -0.23 -1.82
C PRO B 369 33.81 0.58 -0.57
N GLN B 370 33.22 1.77 -0.47
CA GLN B 370 33.28 2.59 0.73
C GLN B 370 31.98 2.54 1.53
N ALA B 371 30.97 1.85 0.98
CA ALA B 371 29.62 1.85 1.55
C ALA B 371 28.70 0.86 0.84
N SER B 372 27.48 0.78 1.35
CA SER B 372 26.45 -0.14 0.86
C SER B 372 26.92 -1.60 0.95
N MET B 373 26.33 -2.48 0.14
CA MET B 373 26.54 -3.94 0.26
C MET B 373 27.12 -4.53 -1.02
N PHE B 374 27.59 -3.67 -1.92
CA PHE B 374 27.99 -4.10 -3.26
C PHE B 374 29.31 -3.51 -3.74
N VAL B 375 29.92 -4.20 -4.70
CA VAL B 375 31.09 -3.73 -5.43
C VAL B 375 30.81 -3.93 -6.91
N MET B 376 31.35 -3.05 -7.76
CA MET B 376 31.22 -3.15 -9.20
C MET B 376 32.58 -3.49 -9.84
N LEU B 377 32.61 -4.59 -10.58
CA LEU B 377 33.85 -5.09 -11.16
C LEU B 377 34.05 -4.71 -12.63
N ASP B 390 29.56 -8.23 -21.18
CA ASP B 390 29.29 -8.35 -19.75
C ASP B 390 28.21 -9.41 -19.46
N MET B 391 27.22 -9.48 -20.36
CA MET B 391 26.14 -10.47 -20.29
C MET B 391 26.66 -11.88 -20.58
N GLU B 392 27.61 -11.96 -21.50
CA GLU B 392 28.16 -13.24 -21.90
C GLU B 392 29.00 -13.86 -20.78
N PHE B 393 29.74 -13.03 -20.06
CA PHE B 393 30.53 -13.49 -18.91
C PHE B 393 29.62 -14.08 -17.82
N TYR B 394 28.44 -13.46 -17.64
CA TYR B 394 27.45 -13.88 -16.64
C TYR B 394 26.88 -15.26 -16.99
N GLU B 395 26.54 -15.44 -18.26
CA GLU B 395 25.91 -16.69 -18.73
C GLU B 395 26.87 -17.87 -18.61
N LYS B 396 28.14 -17.66 -18.94
CA LYS B 396 29.14 -18.74 -18.91
C LYS B 396 29.51 -19.16 -17.47
N LEU B 397 29.46 -18.20 -16.53
CA LEU B 397 29.74 -18.49 -15.12
C LEU B 397 28.71 -19.45 -14.53
N LEU B 398 27.42 -19.25 -14.84
CA LEU B 398 26.35 -20.09 -14.28
C LEU B 398 26.46 -21.52 -14.83
N ASP B 399 26.72 -21.65 -16.13
CA ASP B 399 26.99 -22.95 -16.77
C ASP B 399 28.43 -23.35 -16.46
N ASN B 402 28.94 -22.68 -11.69
CA ASN B 402 27.63 -22.47 -11.08
C ASN B 402 27.61 -21.33 -10.07
N VAL B 403 28.14 -20.18 -10.48
CA VAL B 403 28.14 -18.97 -9.66
C VAL B 403 27.29 -17.86 -10.32
N GLN B 404 26.50 -17.14 -9.51
CA GLN B 404 25.59 -16.08 -10.00
C GLN B 404 26.12 -14.68 -9.63
N VAL B 405 26.36 -13.88 -10.67
CA VAL B 405 26.66 -12.46 -10.55
C VAL B 405 25.55 -11.72 -11.29
N LEU B 406 25.66 -10.39 -11.37
CA LEU B 406 24.68 -9.57 -12.12
C LEU B 406 25.39 -8.68 -13.13
N PRO B 407 24.90 -8.66 -14.37
CA PRO B 407 25.50 -7.74 -15.35
C PRO B 407 25.07 -6.29 -15.15
N GLY B 408 25.99 -5.35 -15.33
CA GLY B 408 25.69 -3.95 -15.13
C GLY B 408 24.70 -3.41 -16.17
N GLU B 409 24.50 -4.16 -17.26
CA GLU B 409 23.45 -3.85 -18.23
C GLU B 409 22.15 -3.51 -17.49
N ILE B 410 21.80 -4.40 -16.56
CA ILE B 410 20.62 -4.30 -15.70
C ILE B 410 20.48 -2.97 -14.98
N PHE B 411 21.61 -2.36 -14.68
CA PHE B 411 21.63 -1.14 -13.88
C PHE B 411 21.85 0.10 -14.71
N GLY B 412 21.95 -0.07 -16.03
CA GLY B 412 22.14 1.04 -16.93
C GLY B 412 23.57 1.32 -17.32
N MET B 413 24.48 0.39 -17.06
CA MET B 413 25.87 0.57 -17.51
C MET B 413 26.51 -0.75 -17.85
N SER B 414 26.58 -1.04 -19.15
CA SER B 414 27.22 -2.24 -19.63
C SER B 414 28.70 -2.20 -19.30
N GLY B 415 29.31 -3.37 -19.23
CA GLY B 415 30.74 -3.47 -19.03
C GLY B 415 31.15 -3.67 -17.58
N PHE B 416 30.18 -3.98 -16.71
CA PHE B 416 30.48 -4.22 -15.29
C PHE B 416 29.72 -5.41 -14.72
N LEU B 417 30.06 -5.74 -13.48
CA LEU B 417 29.36 -6.80 -12.79
C LEU B 417 29.18 -6.40 -11.34
N ARG B 418 27.96 -6.59 -10.84
CA ARG B 418 27.69 -6.33 -9.44
C ARG B 418 27.81 -7.62 -8.65
N ALA B 419 28.57 -7.54 -7.57
CA ALA B 419 28.77 -8.64 -6.66
C ALA B 419 28.47 -8.21 -5.23
N THR B 420 27.94 -9.14 -4.45
CA THR B 420 27.51 -8.81 -3.11
C THR B 420 28.62 -9.02 -2.07
N VAL B 421 28.65 -8.13 -1.09
CA VAL B 421 29.64 -8.14 -0.02
C VAL B 421 29.11 -8.82 1.25
N SER B 422 27.79 -8.97 1.33
CA SER B 422 27.09 -9.22 2.59
C SER B 422 26.99 -10.69 3.01
N ARG B 423 27.41 -11.60 2.13
CA ARG B 423 27.42 -13.02 2.47
C ARG B 423 28.67 -13.35 3.32
N PRO B 424 28.74 -14.58 3.89
CA PRO B 424 29.91 -15.04 4.66
C PRO B 424 31.13 -15.29 3.78
N SER B 425 32.31 -15.03 4.33
CA SER B 425 33.59 -15.22 3.65
C SER B 425 33.76 -16.62 3.08
N ALA B 426 33.24 -17.61 3.79
CA ALA B 426 33.34 -19.00 3.35
C ALA B 426 32.64 -19.21 2.00
N VAL B 427 31.52 -18.51 1.82
CA VAL B 427 30.78 -18.56 0.56
C VAL B 427 31.52 -17.77 -0.53
N LEU B 428 31.98 -16.58 -0.16
CA LEU B 428 32.65 -15.68 -1.08
C LEU B 428 33.97 -16.26 -1.59
N ASN B 429 34.81 -16.70 -0.65
CA ASN B 429 36.12 -17.25 -0.99
C ASN B 429 35.96 -18.35 -2.04
N GLU B 430 35.00 -19.25 -1.85
CA GLU B 430 34.75 -20.34 -2.79
C GLU B 430 34.35 -19.82 -4.17
N ALA B 431 33.62 -18.71 -4.21
CA ALA B 431 33.14 -18.11 -5.45
C ALA B 431 34.24 -17.28 -6.13
N VAL B 432 34.95 -16.47 -5.35
CA VAL B 432 36.06 -15.67 -5.87
C VAL B 432 37.11 -16.58 -6.48
N ASP B 433 37.36 -17.72 -5.82
CA ASP B 433 38.29 -18.72 -6.33
C ASP B 433 37.76 -19.26 -7.68
N ARG B 434 36.45 -19.49 -7.76
CA ARG B 434 35.85 -20.06 -8.97
C ARG B 434 35.94 -19.06 -10.13
N ILE B 435 36.02 -17.77 -9.80
CA ILE B 435 36.19 -16.73 -10.80
C ILE B 435 37.63 -16.73 -11.31
CL CL C . 0.34 0.14 -5.96
CL CL D . 1.19 3.60 -4.35
#